data_1KQ7
#
_entry.id   1KQ7
#
_cell.length_a   104.02
_cell.length_b   220.0
_cell.length_c   86.23
_cell.angle_alpha   90
_cell.angle_beta   90
_cell.angle_gamma   90
#
_symmetry.space_group_name_H-M   'C 2 2 21'
#
loop_
_entity.id
_entity.type
_entity.pdbx_description
1 polymer 'FUMARATE HYDRATASE CLASS II'
2 non-polymer D-MALATE
3 non-polymer 'CITRIC ACID'
4 water water
#
_entity_poly.entity_id   1
_entity_poly.type   'polypeptide(L)'
_entity_poly.pdbx_seq_one_letter_code
;MNTVRSEKDSMGAIDVPADKLWGAQTQRSLEHFRISTEKMPTSLIHALALTKRAAAKVNEDLGLLSEEKASAIRQAADEV
LAGQHDDEFPLAIWQTGSGTQSNMNMNEVLANRASELLGGVRGMERKVHPNDDVNKSQSSNDVFPTAMHVAALLALRKQL
IPQLKTLTQTLNEKSRAFADIVKIGRTHLQDATPLTLGQEISGWVAMLEHNLKHIEYSLPHVAELALGGTAVGTGLNTHP
EYARRVADELAVITCAPFVTAPNKFEALATCDALVQAHGALKGLAASLMKIANDVRWLASGPRCGIGEISIPENQPGSSI
MPGKVNPTQCEALTMLCCQVMGNDVAINMGGASGNFELNVFRPMVIHNFLQSVRLLADGMESFNKHCAVGIEPNRERINQ
LLNESLMLVTALNTHIGYDKAAEIAKKAHKEGLTLKAAALALGYLSEAEFDSWVRPEQMVGSMKAGR
;
_entity_poly.pdbx_strand_id   A,B
#
loop_
_chem_comp.id
_chem_comp.type
_chem_comp.name
_chem_comp.formula
CIT non-polymer 'CITRIC ACID' 'C6 H8 O7'
MLT non-polymer D-MALATE 'C4 H6 O5'
#
# COMPACT_ATOMS: atom_id res chain seq x y z
N VAL A 4 -26.45 8.63 -40.77
CA VAL A 4 -27.05 8.59 -39.41
C VAL A 4 -28.57 8.52 -39.42
N ARG A 5 -29.14 8.10 -38.30
CA ARG A 5 -30.59 8.01 -38.15
C ARG A 5 -30.97 8.75 -36.87
N SER A 6 -32.21 9.22 -36.80
CA SER A 6 -32.66 9.95 -35.62
C SER A 6 -33.36 9.09 -34.56
N GLU A 7 -32.76 9.07 -33.37
CA GLU A 7 -33.30 8.33 -32.23
C GLU A 7 -33.91 9.37 -31.30
N LYS A 8 -34.81 8.96 -30.42
CA LYS A 8 -35.47 9.92 -29.54
C LYS A 8 -35.95 9.34 -28.21
N ASP A 9 -35.97 10.20 -27.20
CA ASP A 9 -36.44 9.86 -25.85
C ASP A 9 -37.31 11.01 -25.31
N SER A 10 -37.54 11.05 -24.01
CA SER A 10 -38.36 12.12 -23.42
C SER A 10 -37.62 13.45 -23.35
N MET A 11 -36.44 13.51 -23.95
CA MET A 11 -35.62 14.71 -23.94
C MET A 11 -35.35 15.22 -25.36
N GLY A 12 -36.05 14.62 -26.32
CA GLY A 12 -35.89 15.02 -27.71
C GLY A 12 -35.12 14.07 -28.60
N ALA A 13 -35.03 14.41 -29.88
CA ALA A 13 -34.34 13.59 -30.86
C ALA A 13 -32.83 13.80 -30.81
N ILE A 14 -32.08 12.79 -31.24
CA ILE A 14 -30.62 12.85 -31.25
C ILE A 14 -30.11 11.92 -32.37
N ASP A 15 -29.16 12.43 -33.15
CA ASP A 15 -28.58 11.68 -34.26
C ASP A 15 -27.62 10.60 -33.78
N VAL A 16 -27.87 9.37 -34.19
CA VAL A 16 -27.05 8.22 -33.82
C VAL A 16 -26.50 7.57 -35.10
N PRO A 17 -25.25 7.05 -35.04
CA PRO A 17 -24.65 6.42 -36.22
C PRO A 17 -25.59 5.38 -36.82
N ALA A 18 -25.80 5.48 -38.12
CA ALA A 18 -26.69 4.56 -38.83
C ALA A 18 -26.18 3.13 -38.70
N ASP A 19 -24.86 2.96 -38.77
CA ASP A 19 -24.22 1.65 -38.68
C ASP A 19 -24.09 1.11 -37.25
N LYS A 20 -24.69 1.79 -36.27
CA LYS A 20 -24.63 1.35 -34.88
C LYS A 20 -26.02 1.03 -34.31
N LEU A 21 -26.07 0.01 -33.46
CA LEU A 21 -27.31 -0.47 -32.84
C LEU A 21 -27.83 0.23 -31.59
N TRP A 22 -27.02 1.08 -30.95
CA TRP A 22 -27.49 1.76 -29.75
C TRP A 22 -28.52 2.86 -30.02
N GLY A 23 -29.15 3.37 -28.95
CA GLY A 23 -30.17 4.39 -29.10
C GLY A 23 -29.78 5.79 -28.66
N ALA A 24 -30.79 6.58 -28.31
CA ALA A 24 -30.62 7.96 -27.88
C ALA A 24 -29.84 8.15 -26.58
N GLN A 25 -30.29 7.49 -25.53
CA GLN A 25 -29.63 7.60 -24.23
C GLN A 25 -28.14 7.22 -24.25
N THR A 26 -27.76 6.28 -25.12
CA THR A 26 -26.36 5.88 -25.22
C THR A 26 -25.58 6.96 -25.96
N GLN A 27 -26.18 7.49 -27.02
CA GLN A 27 -25.57 8.54 -27.83
C GLN A 27 -25.51 9.83 -27.02
N ARG A 28 -26.46 9.99 -26.11
CA ARG A 28 -26.55 11.17 -25.26
C ARG A 28 -25.48 11.13 -24.17
N SER A 29 -25.40 10.03 -23.44
CA SER A 29 -24.41 9.89 -22.37
C SER A 29 -22.99 9.80 -22.94
N LEU A 30 -22.92 9.59 -24.25
CA LEU A 30 -21.65 9.49 -24.94
C LEU A 30 -20.94 10.86 -24.98
N GLU A 31 -21.72 11.94 -25.00
CA GLU A 31 -21.17 13.29 -25.03
C GLU A 31 -21.25 14.03 -23.70
N HIS A 32 -21.61 13.31 -22.64
CA HIS A 32 -21.69 13.87 -21.30
C HIS A 32 -20.60 13.22 -20.44
N PHE A 33 -20.54 11.89 -20.49
CA PHE A 33 -19.57 11.14 -19.73
C PHE A 33 -18.32 10.78 -20.55
N ARG A 34 -17.66 11.81 -21.07
CA ARG A 34 -16.46 11.64 -21.88
C ARG A 34 -15.24 11.71 -20.98
N ILE A 35 -15.06 10.69 -20.14
CA ILE A 35 -13.95 10.67 -19.21
C ILE A 35 -13.00 9.49 -19.43
N SER A 36 -11.74 9.82 -19.67
CA SER A 36 -10.68 8.82 -19.89
C SER A 36 -11.03 7.76 -20.94
N THR A 37 -10.32 6.64 -20.91
CA THR A 37 -10.55 5.58 -21.90
C THR A 37 -11.12 4.24 -21.41
N GLU A 38 -11.32 4.11 -20.10
CA GLU A 38 -11.85 2.86 -19.55
C GLU A 38 -13.32 2.62 -19.89
N LYS A 39 -13.63 1.40 -20.32
CA LYS A 39 -14.99 1.02 -20.67
C LYS A 39 -15.35 -0.32 -20.01
N MET A 40 -16.63 -0.68 -20.05
CA MET A 40 -17.10 -1.93 -19.48
C MET A 40 -16.39 -3.09 -20.15
N PRO A 41 -15.66 -3.92 -19.36
CA PRO A 41 -14.92 -5.07 -19.89
C PRO A 41 -15.85 -6.17 -20.40
N THR A 42 -15.40 -6.84 -21.47
CA THR A 42 -16.15 -7.92 -22.10
C THR A 42 -16.92 -8.81 -21.13
N SER A 43 -16.22 -9.37 -20.15
CA SER A 43 -16.80 -10.24 -19.14
C SER A 43 -18.08 -9.68 -18.50
N LEU A 44 -18.11 -8.36 -18.33
CA LEU A 44 -19.26 -7.67 -17.75
C LEU A 44 -20.39 -7.53 -18.78
N ILE A 45 -20.02 -7.11 -19.99
CA ILE A 45 -20.98 -6.96 -21.09
C ILE A 45 -21.72 -8.28 -21.29
N HIS A 46 -20.97 -9.38 -21.28
CA HIS A 46 -21.54 -10.71 -21.44
C HIS A 46 -22.47 -11.04 -20.28
N ALA A 47 -22.02 -10.68 -19.07
CA ALA A 47 -22.78 -10.92 -17.85
C ALA A 47 -24.04 -10.10 -17.84
N LEU A 48 -23.99 -8.91 -18.44
CA LEU A 48 -25.14 -8.02 -18.51
C LEU A 48 -26.14 -8.59 -19.54
N ALA A 49 -25.59 -9.20 -20.60
CA ALA A 49 -26.41 -9.81 -21.65
C ALA A 49 -27.07 -11.07 -21.11
N LEU A 50 -26.32 -11.84 -20.33
CA LEU A 50 -26.84 -13.06 -19.71
C LEU A 50 -27.99 -12.71 -18.79
N THR A 51 -27.86 -11.59 -18.08
CA THR A 51 -28.89 -11.13 -17.14
C THR A 51 -30.19 -10.85 -17.85
N LYS A 52 -30.11 -10.16 -18.99
CA LYS A 52 -31.28 -9.82 -19.79
C LYS A 52 -31.91 -11.07 -20.40
N ARG A 53 -31.05 -11.98 -20.89
CA ARG A 53 -31.47 -13.23 -21.50
C ARG A 53 -32.33 -14.04 -20.52
N ALA A 54 -31.83 -14.15 -19.29
CA ALA A 54 -32.51 -14.88 -18.23
C ALA A 54 -33.83 -14.21 -17.84
N ALA A 55 -33.80 -12.88 -17.75
CA ALA A 55 -34.98 -12.09 -17.39
C ALA A 55 -36.08 -12.22 -18.45
N ALA A 56 -35.68 -12.24 -19.71
CA ALA A 56 -36.61 -12.36 -20.83
C ALA A 56 -37.29 -13.73 -20.81
N LYS A 57 -36.53 -14.75 -20.41
CA LYS A 57 -37.05 -16.10 -20.32
C LYS A 57 -38.09 -16.22 -19.21
N VAL A 58 -37.82 -15.57 -18.09
CA VAL A 58 -38.72 -15.60 -16.93
C VAL A 58 -40.00 -14.79 -17.15
N ASN A 59 -39.87 -13.62 -17.76
CA ASN A 59 -41.03 -12.77 -18.06
C ASN A 59 -41.99 -13.55 -18.93
N GLU A 60 -41.44 -14.23 -19.94
CA GLU A 60 -42.21 -15.04 -20.87
C GLU A 60 -43.00 -16.12 -20.16
N ASP A 61 -42.37 -16.77 -19.18
CA ASP A 61 -42.98 -17.84 -18.41
C ASP A 61 -44.15 -17.36 -17.54
N LEU A 62 -44.11 -16.10 -17.13
CA LEU A 62 -45.15 -15.51 -16.30
C LEU A 62 -46.24 -14.86 -17.16
N GLY A 63 -46.01 -14.86 -18.47
CA GLY A 63 -46.97 -14.28 -19.40
C GLY A 63 -46.84 -12.78 -19.53
N LEU A 64 -45.76 -12.23 -19.00
CA LEU A 64 -45.52 -10.80 -19.07
C LEU A 64 -45.00 -10.42 -20.45
N LEU A 65 -44.47 -11.40 -21.17
CA LEU A 65 -43.93 -11.18 -22.51
C LEU A 65 -44.38 -12.25 -23.50
N SER A 66 -44.47 -11.87 -24.77
CA SER A 66 -44.87 -12.78 -25.83
C SER A 66 -43.67 -13.60 -26.26
N GLU A 67 -43.92 -14.80 -26.77
CA GLU A 67 -42.85 -15.70 -27.19
C GLU A 67 -41.99 -15.11 -28.32
N GLU A 68 -42.63 -14.47 -29.30
CA GLU A 68 -41.91 -13.87 -30.42
C GLU A 68 -40.91 -12.83 -29.95
N LYS A 69 -41.25 -12.12 -28.88
CA LYS A 69 -40.38 -11.08 -28.33
C LYS A 69 -39.26 -11.65 -27.49
N ALA A 70 -39.62 -12.39 -26.44
CA ALA A 70 -38.64 -13.01 -25.55
C ALA A 70 -37.59 -13.80 -26.31
N SER A 71 -38.03 -14.62 -27.26
CA SER A 71 -37.13 -15.43 -28.07
C SER A 71 -36.19 -14.60 -28.91
N ALA A 72 -36.71 -13.50 -29.48
CA ALA A 72 -35.90 -12.62 -30.31
C ALA A 72 -34.80 -11.97 -29.47
N ILE A 73 -35.15 -11.57 -28.25
CA ILE A 73 -34.21 -10.93 -27.32
C ILE A 73 -33.10 -11.91 -26.94
N ARG A 74 -33.50 -13.14 -26.61
CA ARG A 74 -32.56 -14.18 -26.23
C ARG A 74 -31.54 -14.43 -27.33
N GLN A 75 -32.00 -14.38 -28.59
CA GLN A 75 -31.13 -14.58 -29.74
C GLN A 75 -30.17 -13.40 -29.95
N ALA A 76 -30.63 -12.20 -29.60
CA ALA A 76 -29.81 -11.00 -29.72
C ALA A 76 -28.71 -11.05 -28.66
N ALA A 77 -29.06 -11.54 -27.47
CA ALA A 77 -28.13 -11.66 -26.37
C ALA A 77 -27.01 -12.63 -26.74
N ASP A 78 -27.40 -13.80 -27.24
CA ASP A 78 -26.45 -14.84 -27.64
C ASP A 78 -25.45 -14.36 -28.69
N GLU A 79 -25.82 -13.33 -29.44
CA GLU A 79 -24.94 -12.77 -30.49
C GLU A 79 -23.88 -11.88 -29.84
N VAL A 80 -24.29 -11.19 -28.78
CA VAL A 80 -23.39 -10.32 -28.02
C VAL A 80 -22.37 -11.23 -27.33
N LEU A 81 -22.86 -12.38 -26.86
CA LEU A 81 -22.03 -13.38 -26.19
C LEU A 81 -21.04 -14.03 -27.16
N ALA A 82 -21.38 -14.00 -28.44
CA ALA A 82 -20.53 -14.57 -29.48
C ALA A 82 -19.59 -13.52 -30.06
N GLY A 83 -19.44 -12.42 -29.34
CA GLY A 83 -18.56 -11.35 -29.78
C GLY A 83 -18.89 -10.80 -31.15
N GLN A 84 -20.15 -10.44 -31.37
CA GLN A 84 -20.58 -9.90 -32.66
C GLN A 84 -20.95 -8.42 -32.54
N HIS A 85 -21.19 -7.97 -31.32
CA HIS A 85 -21.57 -6.58 -31.08
C HIS A 85 -20.67 -5.91 -30.04
N ASP A 86 -19.40 -6.31 -30.02
CA ASP A 86 -18.41 -5.77 -29.08
C ASP A 86 -18.23 -4.26 -29.21
N ASP A 87 -18.40 -3.75 -30.42
CA ASP A 87 -18.26 -2.32 -30.68
C ASP A 87 -19.57 -1.54 -30.47
N GLU A 88 -20.60 -2.25 -29.98
CA GLU A 88 -21.91 -1.63 -29.72
C GLU A 88 -22.06 -1.05 -28.32
N PHE A 89 -20.97 -1.04 -27.55
CA PHE A 89 -20.97 -0.52 -26.18
C PHE A 89 -19.77 0.42 -26.01
N PRO A 90 -19.96 1.72 -26.29
CA PRO A 90 -18.89 2.71 -26.16
C PRO A 90 -18.87 3.52 -24.86
N LEU A 91 -19.80 3.22 -23.95
CA LEU A 91 -19.87 3.96 -22.69
C LEU A 91 -18.72 3.74 -21.72
N ALA A 92 -18.25 4.84 -21.16
CA ALA A 92 -17.16 4.84 -20.20
C ALA A 92 -17.59 4.24 -18.86
N ILE A 93 -16.60 3.85 -18.06
CA ILE A 93 -16.82 3.29 -16.73
C ILE A 93 -17.28 4.41 -15.82
N TRP A 94 -16.76 5.61 -16.09
CA TRP A 94 -17.05 6.80 -15.33
C TRP A 94 -18.37 7.43 -15.76
N GLN A 95 -19.45 6.82 -15.29
CA GLN A 95 -20.82 7.25 -15.59
C GLN A 95 -21.60 7.34 -14.28
N THR A 96 -22.90 7.03 -14.31
CA THR A 96 -23.71 7.05 -13.11
C THR A 96 -23.31 5.87 -12.22
N GLY A 97 -23.35 6.09 -10.92
CA GLY A 97 -22.98 5.03 -9.99
C GLY A 97 -23.85 3.79 -10.02
N SER A 98 -25.10 3.93 -10.45
CA SER A 98 -26.02 2.79 -10.52
C SER A 98 -25.83 1.97 -11.79
N GLY A 99 -25.07 2.52 -12.74
CA GLY A 99 -24.84 1.84 -14.00
C GLY A 99 -26.02 1.88 -14.97
N THR A 100 -26.89 2.88 -14.77
CA THR A 100 -28.07 3.06 -15.62
C THR A 100 -27.71 3.19 -17.08
N GLN A 101 -26.71 4.01 -17.36
CA GLN A 101 -26.25 4.24 -18.72
C GLN A 101 -25.93 2.93 -19.43
N SER A 102 -25.13 2.09 -18.77
CA SER A 102 -24.75 0.80 -19.30
C SER A 102 -25.95 -0.13 -19.46
N ASN A 103 -26.89 -0.05 -18.51
CA ASN A 103 -28.10 -0.87 -18.59
C ASN A 103 -28.90 -0.46 -19.81
N MET A 104 -29.12 0.85 -19.96
CA MET A 104 -29.86 1.36 -21.09
C MET A 104 -29.14 1.01 -22.38
N ASN A 105 -27.81 1.09 -22.34
CA ASN A 105 -26.97 0.78 -23.50
C ASN A 105 -27.28 -0.65 -23.96
N MET A 106 -27.30 -1.58 -23.01
CA MET A 106 -27.59 -2.98 -23.30
C MET A 106 -29.03 -3.11 -23.80
N ASN A 107 -29.95 -2.36 -23.20
CA ASN A 107 -31.36 -2.39 -23.58
C ASN A 107 -31.60 -1.95 -25.02
N GLU A 108 -31.08 -0.78 -25.39
CA GLU A 108 -31.25 -0.22 -26.73
C GLU A 108 -30.64 -1.11 -27.82
N VAL A 109 -29.42 -1.57 -27.59
CA VAL A 109 -28.72 -2.45 -28.53
C VAL A 109 -29.47 -3.77 -28.67
N LEU A 110 -29.97 -4.28 -27.55
CA LEU A 110 -30.70 -5.54 -27.54
C LEU A 110 -32.08 -5.43 -28.16
N ALA A 111 -32.72 -4.27 -28.01
CA ALA A 111 -34.05 -4.04 -28.56
C ALA A 111 -34.02 -3.81 -30.06
N ASN A 112 -33.07 -2.98 -30.52
CA ASN A 112 -32.95 -2.68 -31.94
C ASN A 112 -32.69 -3.93 -32.76
N ARG A 113 -31.81 -4.78 -32.25
CA ARG A 113 -31.45 -6.02 -32.92
C ARG A 113 -32.61 -7.03 -32.92
N ALA A 114 -33.31 -7.14 -31.79
CA ALA A 114 -34.45 -8.07 -31.68
C ALA A 114 -35.54 -7.68 -32.67
N SER A 115 -35.62 -6.38 -32.96
CA SER A 115 -36.60 -5.85 -33.90
C SER A 115 -36.29 -6.37 -35.30
N GLU A 116 -35.02 -6.28 -35.70
CA GLU A 116 -34.57 -6.74 -37.01
C GLU A 116 -34.83 -8.24 -37.17
N LEU A 117 -34.50 -9.01 -36.13
CA LEU A 117 -34.70 -10.45 -36.12
C LEU A 117 -36.18 -10.80 -36.30
N LEU A 118 -37.04 -9.85 -35.99
CA LEU A 118 -38.49 -10.04 -36.13
C LEU A 118 -39.01 -9.41 -37.41
N GLY A 119 -38.15 -9.36 -38.44
CA GLY A 119 -38.52 -8.78 -39.71
C GLY A 119 -38.61 -7.27 -39.67
N GLY A 120 -38.57 -6.69 -38.47
CA GLY A 120 -38.65 -5.25 -38.30
C GLY A 120 -37.33 -4.57 -38.61
N VAL A 121 -37.16 -3.34 -38.12
CA VAL A 121 -35.94 -2.59 -38.38
C VAL A 121 -35.49 -1.77 -37.17
N ARG A 122 -34.22 -1.35 -37.18
CA ARG A 122 -33.65 -0.56 -36.09
C ARG A 122 -34.10 0.89 -36.17
N GLY A 123 -34.22 1.53 -35.01
CA GLY A 123 -34.65 2.93 -34.97
C GLY A 123 -35.92 3.06 -34.16
N MET A 124 -36.60 4.19 -34.29
CA MET A 124 -37.83 4.45 -33.55
C MET A 124 -39.02 3.58 -33.99
N GLU A 125 -38.97 3.05 -35.20
CA GLU A 125 -40.05 2.20 -35.70
C GLU A 125 -39.78 0.72 -35.35
N ARG A 126 -39.01 0.52 -34.28
CA ARG A 126 -38.64 -0.80 -33.78
C ARG A 126 -39.83 -1.58 -33.24
N LYS A 127 -39.85 -2.88 -33.49
CA LYS A 127 -40.92 -3.77 -33.02
C LYS A 127 -40.79 -4.00 -31.52
N VAL A 128 -39.56 -4.29 -31.08
CA VAL A 128 -39.25 -4.53 -29.67
C VAL A 128 -38.80 -3.21 -29.03
N HIS A 129 -39.24 -2.96 -27.81
CA HIS A 129 -38.91 -1.71 -27.10
C HIS A 129 -37.95 -1.94 -25.94
N PRO A 130 -36.93 -1.07 -25.81
CA PRO A 130 -35.94 -1.18 -24.74
C PRO A 130 -36.50 -1.19 -23.32
N ASN A 131 -37.22 -0.15 -22.94
CA ASN A 131 -37.78 -0.08 -21.60
C ASN A 131 -38.99 -0.96 -21.36
N ASP A 132 -39.91 -0.96 -22.32
CA ASP A 132 -41.13 -1.76 -22.19
C ASP A 132 -40.93 -3.28 -22.28
N ASP A 133 -40.00 -3.74 -23.13
CA ASP A 133 -39.77 -5.17 -23.29
C ASP A 133 -38.48 -5.73 -22.68
N VAL A 134 -37.34 -5.19 -23.10
CA VAL A 134 -36.04 -5.66 -22.63
C VAL A 134 -35.77 -5.35 -21.15
N ASN A 135 -36.30 -4.24 -20.67
CA ASN A 135 -36.11 -3.82 -19.28
C ASN A 135 -37.35 -4.05 -18.41
N LYS A 136 -38.17 -5.03 -18.80
CA LYS A 136 -39.39 -5.34 -18.05
C LYS A 136 -39.14 -5.96 -16.69
N SER A 137 -39.94 -5.55 -15.71
CA SER A 137 -39.86 -6.05 -14.34
C SER A 137 -38.48 -5.90 -13.74
N GLN A 138 -37.81 -4.79 -14.03
CA GLN A 138 -36.47 -4.55 -13.51
C GLN A 138 -36.05 -3.08 -13.58
N SER A 139 -34.88 -2.79 -13.03
CA SER A 139 -34.33 -1.43 -13.03
C SER A 139 -32.81 -1.48 -12.90
N SER A 140 -32.17 -0.39 -13.27
CA SER A 140 -30.71 -0.29 -13.20
C SER A 140 -30.23 -0.60 -11.78
N ASN A 141 -31.08 -0.25 -10.81
CA ASN A 141 -30.78 -0.46 -9.39
C ASN A 141 -30.60 -1.93 -9.01
N ASP A 142 -31.40 -2.82 -9.62
CA ASP A 142 -31.26 -4.23 -9.31
C ASP A 142 -30.64 -5.08 -10.42
N VAL A 143 -30.54 -4.53 -11.63
CA VAL A 143 -29.94 -5.26 -12.75
C VAL A 143 -28.42 -5.22 -12.70
N PHE A 144 -27.85 -4.02 -12.56
CA PHE A 144 -26.39 -3.86 -12.53
C PHE A 144 -25.65 -4.62 -11.42
N PRO A 145 -26.23 -4.69 -10.20
CA PRO A 145 -25.55 -5.42 -9.11
C PRO A 145 -25.51 -6.92 -9.45
N THR A 146 -26.55 -7.37 -10.14
CA THR A 146 -26.68 -8.77 -10.56
C THR A 146 -25.62 -9.08 -11.61
N ALA A 147 -25.49 -8.21 -12.60
CA ALA A 147 -24.51 -8.36 -13.66
C ALA A 147 -23.10 -8.36 -13.07
N MET A 148 -22.92 -7.64 -11.96
CA MET A 148 -21.64 -7.56 -11.28
C MET A 148 -21.28 -8.89 -10.64
N HIS A 149 -22.25 -9.47 -9.95
CA HIS A 149 -22.05 -10.75 -9.29
C HIS A 149 -21.93 -11.91 -10.27
N VAL A 150 -22.72 -11.88 -11.34
CA VAL A 150 -22.68 -12.93 -12.36
C VAL A 150 -21.31 -12.95 -13.03
N ALA A 151 -20.76 -11.77 -13.32
CA ALA A 151 -19.46 -11.66 -13.95
C ALA A 151 -18.34 -12.02 -12.98
N ALA A 152 -18.55 -11.70 -11.70
CA ALA A 152 -17.56 -11.96 -10.66
C ALA A 152 -17.36 -13.44 -10.37
N LEU A 153 -18.45 -14.11 -9.96
CA LEU A 153 -18.41 -15.53 -9.64
C LEU A 153 -17.83 -16.33 -10.81
N LEU A 154 -18.30 -16.03 -12.01
CA LEU A 154 -17.84 -16.71 -13.22
C LEU A 154 -16.36 -16.46 -13.51
N ALA A 155 -15.90 -15.23 -13.30
CA ALA A 155 -14.50 -14.91 -13.55
C ALA A 155 -13.60 -15.64 -12.56
N LEU A 156 -14.05 -15.78 -11.32
CA LEU A 156 -13.29 -16.47 -10.28
C LEU A 156 -13.26 -17.97 -10.52
N ARG A 157 -14.43 -18.56 -10.75
CA ARG A 157 -14.57 -20.00 -10.99
C ARG A 157 -13.95 -20.47 -12.31
N LYS A 158 -14.25 -19.77 -13.40
CA LYS A 158 -13.74 -20.10 -14.72
C LYS A 158 -12.32 -19.68 -15.05
N GLN A 159 -11.82 -18.65 -14.37
CA GLN A 159 -10.48 -18.15 -14.67
C GLN A 159 -9.44 -18.18 -13.55
N LEU A 160 -9.75 -17.54 -12.42
CA LEU A 160 -8.80 -17.48 -11.31
C LEU A 160 -8.47 -18.83 -10.67
N ILE A 161 -9.51 -19.55 -10.22
CA ILE A 161 -9.32 -20.85 -9.57
C ILE A 161 -8.45 -21.81 -10.39
N PRO A 162 -8.79 -22.05 -11.69
CA PRO A 162 -8.02 -22.96 -12.55
C PRO A 162 -6.56 -22.61 -12.68
N GLN A 163 -6.26 -21.33 -12.90
CA GLN A 163 -4.88 -20.88 -13.05
C GLN A 163 -4.09 -21.08 -11.76
N LEU A 164 -4.77 -20.94 -10.63
CA LEU A 164 -4.12 -21.11 -9.33
C LEU A 164 -3.75 -22.58 -9.09
N LYS A 165 -4.65 -23.49 -9.43
CA LYS A 165 -4.40 -24.92 -9.25
C LYS A 165 -3.25 -25.35 -10.14
N THR A 166 -3.27 -24.89 -11.40
CA THR A 166 -2.21 -25.20 -12.36
C THR A 166 -0.84 -24.78 -11.81
N LEU A 167 -0.75 -23.55 -11.31
CA LEU A 167 0.51 -23.04 -10.75
C LEU A 167 0.88 -23.84 -9.50
N THR A 168 -0.13 -24.32 -8.78
CA THR A 168 0.08 -25.10 -7.56
C THR A 168 0.72 -26.45 -7.85
N GLN A 169 0.11 -27.23 -8.72
CA GLN A 169 0.63 -28.55 -9.06
C GLN A 169 2.03 -28.48 -9.65
N THR A 170 2.32 -27.40 -10.36
CA THR A 170 3.62 -27.20 -10.98
C THR A 170 4.72 -27.04 -9.92
N LEU A 171 4.48 -26.16 -8.95
CA LEU A 171 5.42 -25.91 -7.88
C LEU A 171 5.48 -27.10 -6.94
N ASN A 172 4.38 -27.84 -6.90
CA ASN A 172 4.30 -29.04 -6.06
C ASN A 172 5.21 -30.11 -6.65
N GLU A 173 5.24 -30.20 -7.97
CA GLU A 173 6.09 -31.18 -8.66
C GLU A 173 7.55 -30.82 -8.39
N LYS A 174 7.87 -29.54 -8.49
CA LYS A 174 9.22 -29.04 -8.25
C LYS A 174 9.66 -29.35 -6.82
N SER A 175 8.71 -29.25 -5.89
CA SER A 175 8.95 -29.52 -4.47
C SER A 175 9.49 -30.93 -4.27
N ARG A 176 8.74 -31.90 -4.79
CA ARG A 176 9.11 -33.31 -4.70
C ARG A 176 10.39 -33.59 -5.47
N ALA A 177 10.51 -33.00 -6.65
CA ALA A 177 11.67 -33.18 -7.50
C ALA A 177 12.99 -32.83 -6.82
N PHE A 178 13.01 -31.68 -6.14
CA PHE A 178 14.23 -31.20 -5.48
C PHE A 178 14.29 -31.49 -3.97
N ALA A 179 13.49 -32.44 -3.51
CA ALA A 179 13.42 -32.82 -2.10
C ALA A 179 14.74 -33.15 -1.38
N ASP A 180 15.71 -33.69 -2.12
CA ASP A 180 17.00 -34.06 -1.54
C ASP A 180 18.05 -32.95 -1.51
N ILE A 181 18.00 -32.08 -2.50
CA ILE A 181 18.95 -30.97 -2.60
C ILE A 181 18.87 -30.10 -1.35
N VAL A 182 19.97 -29.99 -0.63
CA VAL A 182 20.00 -29.16 0.57
C VAL A 182 20.70 -27.85 0.28
N LYS A 183 20.18 -26.77 0.86
CA LYS A 183 20.74 -25.43 0.69
C LYS A 183 20.82 -24.66 2.00
N ILE A 184 21.64 -23.61 1.99
CA ILE A 184 21.83 -22.75 3.14
C ILE A 184 20.55 -21.91 3.38
N GLY A 185 20.07 -21.89 4.62
CA GLY A 185 18.87 -21.13 4.92
C GLY A 185 19.15 -19.63 5.02
N ARG A 186 18.09 -18.82 5.06
CA ARG A 186 18.24 -17.37 5.18
C ARG A 186 17.11 -16.65 5.92
N THR A 187 17.49 -16.01 7.03
CA THR A 187 16.55 -15.25 7.83
C THR A 187 17.22 -13.88 8.05
N HIS A 188 16.44 -12.82 7.88
CA HIS A 188 16.91 -11.44 8.02
C HIS A 188 17.95 -11.17 6.91
N LEU A 189 17.85 -11.92 5.82
CA LEU A 189 18.76 -11.82 4.67
C LEU A 189 20.14 -12.38 5.02
N GLN A 190 20.26 -12.93 6.22
CA GLN A 190 21.51 -13.49 6.70
C GLN A 190 21.53 -15.01 6.61
N ASP A 191 22.74 -15.57 6.57
CA ASP A 191 22.93 -17.02 6.49
C ASP A 191 22.38 -17.66 7.75
N ALA A 192 21.53 -18.66 7.56
CA ALA A 192 20.93 -19.35 8.69
C ALA A 192 21.18 -20.85 8.57
N THR A 193 20.48 -21.65 9.38
CA THR A 193 20.63 -23.10 9.33
C THR A 193 20.08 -23.61 8.01
N PRO A 194 20.64 -24.73 7.49
CA PRO A 194 20.20 -25.31 6.22
C PRO A 194 18.80 -25.89 6.18
N LEU A 195 18.35 -26.14 4.96
CA LEU A 195 17.04 -26.72 4.66
C LEU A 195 17.10 -27.15 3.19
N THR A 196 16.26 -28.10 2.82
CA THR A 196 16.26 -28.58 1.45
C THR A 196 15.51 -27.62 0.52
N LEU A 197 16.02 -27.48 -0.70
CA LEU A 197 15.43 -26.63 -1.73
C LEU A 197 13.98 -27.03 -1.99
N GLY A 198 13.67 -28.31 -1.73
CA GLY A 198 12.33 -28.83 -1.91
C GLY A 198 11.37 -28.39 -0.82
N GLN A 199 11.88 -28.22 0.40
CA GLN A 199 11.07 -27.76 1.52
C GLN A 199 10.70 -26.29 1.34
N GLU A 200 11.66 -25.49 0.88
CA GLU A 200 11.44 -24.07 0.65
C GLU A 200 10.34 -23.85 -0.40
N ILE A 201 10.34 -24.68 -1.44
CA ILE A 201 9.33 -24.58 -2.48
C ILE A 201 8.01 -25.10 -1.95
N SER A 202 8.07 -25.95 -0.93
CA SER A 202 6.85 -26.50 -0.32
C SER A 202 6.14 -25.40 0.44
N GLY A 203 6.89 -24.36 0.81
CA GLY A 203 6.31 -23.22 1.50
C GLY A 203 5.45 -22.44 0.52
N TRP A 204 5.94 -22.33 -0.71
CA TRP A 204 5.21 -21.64 -1.77
C TRP A 204 3.91 -22.37 -2.12
N VAL A 205 3.99 -23.68 -2.31
CA VAL A 205 2.79 -24.46 -2.64
C VAL A 205 1.74 -24.41 -1.53
N ALA A 206 2.20 -24.38 -0.28
CA ALA A 206 1.29 -24.31 0.86
C ALA A 206 0.55 -22.98 0.88
N MET A 207 1.27 -21.90 0.55
CA MET A 207 0.69 -20.55 0.52
C MET A 207 -0.44 -20.49 -0.48
N LEU A 208 -0.16 -20.97 -1.69
CA LEU A 208 -1.15 -21.00 -2.77
C LEU A 208 -2.37 -21.83 -2.41
N GLU A 209 -2.14 -22.97 -1.75
CA GLU A 209 -3.22 -23.86 -1.33
C GLU A 209 -4.13 -23.21 -0.30
N HIS A 210 -3.55 -22.32 0.49
CA HIS A 210 -4.30 -21.59 1.52
C HIS A 210 -5.15 -20.53 0.84
N ASN A 211 -4.55 -19.82 -0.10
CA ASN A 211 -5.28 -18.77 -0.83
C ASN A 211 -6.44 -19.34 -1.61
N LEU A 212 -6.33 -20.61 -2.03
CA LEU A 212 -7.41 -21.25 -2.77
C LEU A 212 -8.65 -21.35 -1.90
N LYS A 213 -8.51 -21.85 -0.69
CA LYS A 213 -9.64 -21.99 0.22
C LYS A 213 -10.19 -20.63 0.64
N HIS A 214 -9.30 -19.65 0.81
CA HIS A 214 -9.70 -18.30 1.20
C HIS A 214 -10.50 -17.61 0.13
N ILE A 215 -10.22 -17.95 -1.13
CA ILE A 215 -10.92 -17.40 -2.27
C ILE A 215 -12.29 -18.08 -2.36
N GLU A 216 -12.29 -19.40 -2.18
CA GLU A 216 -13.52 -20.19 -2.22
C GLU A 216 -14.50 -19.86 -1.10
N TYR A 217 -13.98 -19.36 0.02
CA TYR A 217 -14.84 -18.99 1.15
C TYR A 217 -15.66 -17.76 0.82
N SER A 218 -15.15 -16.93 -0.09
CA SER A 218 -15.85 -15.71 -0.48
C SER A 218 -16.91 -15.89 -1.57
N LEU A 219 -16.90 -17.04 -2.23
CA LEU A 219 -17.84 -17.33 -3.31
C LEU A 219 -19.35 -17.34 -2.98
N PRO A 220 -19.76 -18.03 -1.89
CA PRO A 220 -21.18 -18.08 -1.52
C PRO A 220 -21.88 -16.71 -1.45
N HIS A 221 -21.17 -15.69 -0.98
CA HIS A 221 -21.72 -14.35 -0.87
C HIS A 221 -21.89 -13.71 -2.26
N VAL A 222 -20.87 -13.88 -3.10
CA VAL A 222 -20.88 -13.35 -4.46
C VAL A 222 -21.94 -14.06 -5.33
N ALA A 223 -22.47 -15.16 -4.82
CA ALA A 223 -23.49 -15.92 -5.55
C ALA A 223 -24.89 -15.34 -5.40
N GLU A 224 -25.06 -14.45 -4.42
CA GLU A 224 -26.35 -13.82 -4.17
C GLU A 224 -26.73 -12.77 -5.21
N LEU A 225 -27.87 -12.98 -5.86
CA LEU A 225 -28.36 -12.04 -6.88
C LEU A 225 -29.40 -11.07 -6.34
N ALA A 226 -29.35 -9.83 -6.83
CA ALA A 226 -30.28 -8.78 -6.41
C ALA A 226 -31.58 -8.70 -7.22
N LEU A 227 -31.57 -9.26 -8.43
CA LEU A 227 -32.75 -9.23 -9.30
C LEU A 227 -34.04 -9.66 -8.60
N GLY A 228 -35.00 -8.75 -8.56
CA GLY A 228 -36.27 -9.04 -7.92
C GLY A 228 -36.60 -8.01 -6.87
N GLY A 229 -35.65 -7.11 -6.61
CA GLY A 229 -35.86 -6.07 -5.62
C GLY A 229 -36.20 -4.73 -6.24
N THR A 230 -35.73 -4.51 -7.46
CA THR A 230 -35.95 -3.27 -8.22
C THR A 230 -35.37 -2.00 -7.58
N ALA A 231 -36.05 -0.88 -7.80
CA ALA A 231 -35.68 0.45 -7.31
C ALA A 231 -35.07 0.59 -5.91
N VAL A 232 -35.76 0.10 -4.89
CA VAL A 232 -35.25 0.21 -3.51
C VAL A 232 -35.08 -1.12 -2.78
N GLY A 233 -35.38 -2.22 -3.46
CA GLY A 233 -35.24 -3.53 -2.85
C GLY A 233 -36.53 -4.14 -2.31
N THR A 234 -37.64 -3.44 -2.43
CA THR A 234 -38.93 -3.95 -1.95
C THR A 234 -39.56 -4.97 -2.90
N GLY A 235 -39.09 -4.97 -4.15
CA GLY A 235 -39.62 -5.90 -5.14
C GLY A 235 -40.92 -5.42 -5.73
N LEU A 236 -41.13 -4.11 -5.71
CA LEU A 236 -42.34 -3.49 -6.24
C LEU A 236 -42.42 -3.66 -7.75
N ASN A 237 -43.65 -3.89 -8.24
CA ASN A 237 -43.90 -4.06 -9.67
C ASN A 237 -43.33 -5.38 -10.21
N THR A 238 -43.41 -6.44 -9.40
CA THR A 238 -42.93 -7.76 -9.81
C THR A 238 -43.83 -8.88 -9.31
N HIS A 239 -43.64 -10.06 -9.89
CA HIS A 239 -44.40 -11.25 -9.52
C HIS A 239 -43.60 -11.93 -8.40
N PRO A 240 -44.28 -12.50 -7.39
CA PRO A 240 -43.65 -13.19 -6.26
C PRO A 240 -42.57 -14.19 -6.64
N GLU A 241 -42.83 -15.00 -7.66
CA GLU A 241 -41.89 -16.02 -8.12
C GLU A 241 -40.77 -15.48 -9.02
N TYR A 242 -40.88 -14.24 -9.46
CA TYR A 242 -39.87 -13.64 -10.32
C TYR A 242 -38.45 -13.76 -9.78
N ALA A 243 -38.22 -13.18 -8.60
CA ALA A 243 -36.89 -13.18 -7.96
C ALA A 243 -36.20 -14.52 -7.92
N ARG A 244 -36.94 -15.56 -7.54
CA ARG A 244 -36.40 -16.91 -7.46
C ARG A 244 -36.16 -17.50 -8.85
N ARG A 245 -37.14 -17.33 -9.73
CA ARG A 245 -37.05 -17.84 -11.10
C ARG A 245 -35.87 -17.28 -11.90
N VAL A 246 -35.67 -15.96 -11.85
CA VAL A 246 -34.55 -15.35 -12.57
C VAL A 246 -33.21 -15.86 -12.04
N ALA A 247 -33.20 -16.32 -10.79
CA ALA A 247 -32.01 -16.84 -10.15
C ALA A 247 -31.73 -18.26 -10.62
N ASP A 248 -32.79 -19.06 -10.78
CA ASP A 248 -32.66 -20.43 -11.25
C ASP A 248 -32.20 -20.44 -12.70
N GLU A 249 -32.83 -19.60 -13.52
CA GLU A 249 -32.48 -19.50 -14.94
C GLU A 249 -31.02 -19.13 -15.07
N LEU A 250 -30.55 -18.20 -14.24
CA LEU A 250 -29.17 -17.78 -14.25
C LEU A 250 -28.24 -18.95 -13.93
N ALA A 251 -28.66 -19.79 -12.98
CA ALA A 251 -27.89 -20.95 -12.55
C ALA A 251 -27.79 -21.99 -13.66
N VAL A 252 -28.85 -22.09 -14.47
CA VAL A 252 -28.91 -23.03 -15.58
C VAL A 252 -27.95 -22.71 -16.72
N ILE A 253 -28.09 -21.52 -17.29
CA ILE A 253 -27.26 -21.10 -18.42
C ILE A 253 -25.80 -20.80 -18.13
N THR A 254 -25.47 -20.52 -16.88
CA THR A 254 -24.09 -20.23 -16.51
C THR A 254 -23.42 -21.41 -15.83
N CYS A 255 -24.24 -22.35 -15.34
CA CYS A 255 -23.78 -23.54 -14.64
C CYS A 255 -23.17 -23.23 -13.28
N ALA A 256 -23.51 -22.07 -12.74
CA ALA A 256 -23.00 -21.64 -11.44
C ALA A 256 -24.11 -21.74 -10.41
N PRO A 257 -23.75 -21.96 -9.13
CA PRO A 257 -24.71 -22.06 -8.03
C PRO A 257 -25.29 -20.71 -7.63
N PHE A 258 -25.91 -20.02 -8.58
CA PHE A 258 -26.50 -18.72 -8.33
C PHE A 258 -27.82 -18.80 -7.58
N VAL A 259 -27.92 -18.03 -6.49
CA VAL A 259 -29.14 -17.99 -5.68
C VAL A 259 -29.52 -16.52 -5.56
N THR A 260 -30.76 -16.28 -5.15
CA THR A 260 -31.22 -14.91 -4.97
C THR A 260 -30.85 -14.43 -3.58
N ALA A 261 -30.40 -13.18 -3.48
CA ALA A 261 -30.00 -12.61 -2.20
C ALA A 261 -31.13 -12.71 -1.18
N PRO A 262 -30.83 -13.23 0.03
CA PRO A 262 -31.84 -13.36 1.08
C PRO A 262 -32.46 -12.00 1.43
N ASN A 263 -31.62 -10.97 1.41
CA ASN A 263 -32.04 -9.61 1.73
C ASN A 263 -31.60 -8.64 0.63
N LYS A 264 -32.54 -8.25 -0.22
CA LYS A 264 -32.25 -7.34 -1.33
C LYS A 264 -31.80 -5.96 -0.91
N PHE A 265 -32.11 -5.58 0.34
CA PHE A 265 -31.72 -4.28 0.86
C PHE A 265 -30.21 -4.24 1.07
N GLU A 266 -29.65 -5.37 1.43
CA GLU A 266 -28.21 -5.50 1.64
C GLU A 266 -27.52 -5.52 0.27
N ALA A 267 -28.17 -6.17 -0.70
CA ALA A 267 -27.65 -6.29 -2.06
C ALA A 267 -27.59 -4.97 -2.83
N LEU A 268 -28.62 -4.15 -2.66
CA LEU A 268 -28.71 -2.86 -3.34
C LEU A 268 -27.87 -1.74 -2.74
N ALA A 269 -27.80 -1.68 -1.41
CA ALA A 269 -27.07 -0.62 -0.73
C ALA A 269 -25.59 -0.88 -0.45
N THR A 270 -25.10 -2.06 -0.79
CA THR A 270 -23.69 -2.37 -0.53
C THR A 270 -23.02 -3.13 -1.67
N CYS A 271 -21.73 -3.40 -1.48
CA CYS A 271 -20.90 -4.15 -2.41
C CYS A 271 -20.06 -5.08 -1.52
N ASP A 272 -20.59 -5.33 -0.33
CA ASP A 272 -19.94 -6.18 0.67
C ASP A 272 -19.38 -7.48 0.14
N ALA A 273 -20.11 -8.14 -0.76
CA ALA A 273 -19.66 -9.40 -1.33
C ALA A 273 -18.35 -9.20 -2.08
N LEU A 274 -18.25 -8.10 -2.82
CA LEU A 274 -17.05 -7.81 -3.60
C LEU A 274 -15.91 -7.18 -2.80
N VAL A 275 -16.24 -6.60 -1.65
CA VAL A 275 -15.22 -6.00 -0.79
C VAL A 275 -14.57 -7.14 0.00
N GLN A 276 -15.37 -8.15 0.33
CA GLN A 276 -14.90 -9.33 1.06
C GLN A 276 -14.12 -10.25 0.14
N ALA A 277 -14.62 -10.42 -1.08
CA ALA A 277 -13.98 -11.29 -2.06
C ALA A 277 -12.65 -10.69 -2.50
N HIS A 278 -12.61 -9.39 -2.75
CA HIS A 278 -11.37 -8.75 -3.16
C HIS A 278 -10.35 -8.74 -2.02
N GLY A 279 -10.83 -8.93 -0.79
CA GLY A 279 -9.95 -8.98 0.36
C GLY A 279 -9.07 -10.22 0.25
N ALA A 280 -9.67 -11.29 -0.28
CA ALA A 280 -8.95 -12.55 -0.48
C ALA A 280 -7.98 -12.40 -1.65
N LEU A 281 -8.34 -11.59 -2.65
CA LEU A 281 -7.48 -11.37 -3.80
C LEU A 281 -6.17 -10.66 -3.43
N LYS A 282 -6.27 -9.61 -2.60
CA LYS A 282 -5.08 -8.89 -2.18
C LYS A 282 -4.22 -9.79 -1.30
N GLY A 283 -4.87 -10.77 -0.68
CA GLY A 283 -4.16 -11.74 0.15
C GLY A 283 -3.39 -12.66 -0.78
N LEU A 284 -3.94 -12.90 -1.97
CA LEU A 284 -3.27 -13.75 -2.95
C LEU A 284 -2.12 -12.98 -3.60
N ALA A 285 -2.34 -11.69 -3.82
CA ALA A 285 -1.32 -10.82 -4.41
C ALA A 285 -0.13 -10.74 -3.47
N ALA A 286 -0.42 -10.73 -2.16
CA ALA A 286 0.62 -10.66 -1.15
C ALA A 286 1.47 -11.93 -1.20
N SER A 287 0.80 -13.08 -1.27
CA SER A 287 1.48 -14.36 -1.34
C SER A 287 2.35 -14.40 -2.60
N LEU A 288 1.72 -14.13 -3.76
CA LEU A 288 2.41 -14.13 -5.05
C LEU A 288 3.61 -13.19 -5.12
N MET A 289 3.53 -12.08 -4.39
CA MET A 289 4.60 -11.10 -4.37
C MET A 289 5.88 -11.71 -3.81
N LYS A 290 5.76 -12.50 -2.75
CA LYS A 290 6.92 -13.13 -2.14
C LYS A 290 7.45 -14.29 -2.98
N ILE A 291 6.55 -15.17 -3.40
CA ILE A 291 6.93 -16.32 -4.22
C ILE A 291 7.70 -15.84 -5.45
N ALA A 292 7.27 -14.71 -6.01
CA ALA A 292 7.91 -14.11 -7.18
C ALA A 292 9.27 -13.54 -6.81
N ASN A 293 9.36 -12.88 -5.66
CA ASN A 293 10.61 -12.29 -5.22
C ASN A 293 11.68 -13.31 -4.85
N ASP A 294 11.28 -14.41 -4.21
CA ASP A 294 12.24 -15.46 -3.84
C ASP A 294 12.90 -16.02 -5.10
N VAL A 295 12.14 -16.09 -6.18
CA VAL A 295 12.64 -16.58 -7.46
C VAL A 295 13.65 -15.60 -8.05
N ARG A 296 13.29 -14.33 -8.09
CA ARG A 296 14.17 -13.29 -8.63
C ARG A 296 15.51 -13.34 -7.93
N TRP A 297 15.47 -13.34 -6.61
CA TRP A 297 16.66 -13.36 -5.78
C TRP A 297 17.46 -14.65 -5.90
N LEU A 298 16.81 -15.80 -5.72
CA LEU A 298 17.49 -17.08 -5.83
C LEU A 298 18.16 -17.22 -7.19
N ALA A 299 17.47 -16.71 -8.22
CA ALA A 299 18.00 -16.77 -9.59
C ALA A 299 18.90 -15.59 -9.96
N SER A 300 19.07 -14.62 -9.06
CA SER A 300 19.89 -13.45 -9.34
C SER A 300 21.35 -13.83 -9.61
N GLY A 301 22.02 -13.06 -10.46
CA GLY A 301 23.41 -13.33 -10.77
C GLY A 301 23.87 -12.83 -12.12
N PRO A 302 24.53 -13.69 -12.91
CA PRO A 302 24.87 -15.08 -12.60
C PRO A 302 26.13 -15.26 -11.74
N ARG A 303 26.90 -14.19 -11.56
CA ARG A 303 28.13 -14.26 -10.79
C ARG A 303 28.19 -13.42 -9.50
N CYS A 304 27.50 -12.29 -9.46
CA CYS A 304 27.52 -11.43 -8.28
C CYS A 304 26.27 -11.40 -7.40
N GLY A 305 25.56 -12.53 -7.34
CA GLY A 305 24.36 -12.59 -6.53
C GLY A 305 24.25 -13.90 -5.76
N ILE A 306 23.05 -14.47 -5.72
CA ILE A 306 22.84 -15.73 -5.03
C ILE A 306 23.02 -16.88 -6.03
N GLY A 307 22.29 -16.81 -7.13
CA GLY A 307 22.39 -17.81 -8.19
C GLY A 307 22.16 -19.27 -7.82
N GLU A 308 21.28 -19.51 -6.84
CA GLU A 308 20.99 -20.88 -6.43
C GLU A 308 20.17 -21.64 -7.48
N ILE A 309 19.33 -20.93 -8.21
CA ILE A 309 18.53 -21.58 -9.25
C ILE A 309 18.71 -20.92 -10.61
N SER A 310 18.10 -21.53 -11.63
CA SER A 310 18.18 -21.02 -12.99
C SER A 310 16.79 -21.06 -13.62
N ILE A 311 16.39 -19.95 -14.24
CA ILE A 311 15.09 -19.84 -14.89
C ILE A 311 15.25 -19.68 -16.40
N PRO A 312 14.30 -20.22 -17.19
CA PRO A 312 14.37 -20.11 -18.64
C PRO A 312 14.40 -18.67 -19.17
N GLU A 313 15.24 -18.43 -20.16
CA GLU A 313 15.37 -17.11 -20.76
C GLU A 313 14.28 -16.93 -21.83
N ASN A 314 13.59 -15.79 -21.76
CA ASN A 314 12.53 -15.50 -22.71
C ASN A 314 13.02 -14.62 -23.86
N GLN A 315 13.41 -13.38 -23.54
CA GLN A 315 13.91 -12.45 -24.54
C GLN A 315 15.39 -12.72 -24.84
N PRO A 316 15.79 -12.57 -26.11
CA PRO A 316 17.16 -12.79 -26.60
C PRO A 316 18.28 -12.13 -25.79
N GLY A 317 18.20 -10.81 -25.61
CA GLY A 317 19.22 -10.11 -24.85
C GLY A 317 20.50 -9.88 -25.64
N SER A 318 21.52 -9.33 -24.97
CA SER A 318 22.80 -9.02 -25.60
C SER A 318 23.61 -10.27 -25.95
N SER A 319 24.50 -10.13 -26.93
CA SER A 319 25.34 -11.23 -27.39
C SER A 319 26.66 -11.30 -26.61
N ILE A 320 27.19 -10.13 -26.27
CA ILE A 320 28.45 -10.04 -25.54
C ILE A 320 28.28 -10.22 -24.02
N MET A 321 27.03 -10.44 -23.59
CA MET A 321 26.70 -10.66 -22.18
C MET A 321 25.67 -11.78 -22.10
N PRO A 322 26.07 -13.02 -22.44
CA PRO A 322 25.20 -14.20 -22.43
C PRO A 322 24.67 -14.61 -21.05
N GLY A 323 25.37 -14.22 -19.99
CA GLY A 323 24.92 -14.58 -18.66
C GLY A 323 23.70 -13.84 -18.13
N LYS A 324 23.55 -12.57 -18.50
CA LYS A 324 22.44 -11.75 -18.02
C LYS A 324 21.03 -12.20 -18.45
N VAL A 325 20.30 -12.73 -17.47
CA VAL A 325 18.94 -13.20 -17.68
C VAL A 325 18.04 -12.50 -16.66
N ASN A 326 17.34 -11.46 -17.11
CA ASN A 326 16.44 -10.68 -16.27
C ASN A 326 15.18 -11.47 -15.90
N PRO A 327 14.75 -11.39 -14.64
CA PRO A 327 13.54 -12.11 -14.15
C PRO A 327 12.27 -11.44 -14.66
N THR A 328 12.23 -11.16 -15.96
CA THR A 328 11.09 -10.49 -16.60
C THR A 328 9.72 -10.99 -16.17
N GLN A 329 9.58 -12.31 -16.05
CA GLN A 329 8.30 -12.91 -15.65
C GLN A 329 7.89 -12.52 -14.24
N CYS A 330 8.88 -12.39 -13.36
CA CYS A 330 8.62 -12.02 -11.96
C CYS A 330 8.36 -10.52 -11.86
N GLU A 331 9.06 -9.74 -12.68
CA GLU A 331 8.89 -8.27 -12.68
C GLU A 331 7.47 -7.91 -13.08
N ALA A 332 6.94 -8.61 -14.07
CA ALA A 332 5.59 -8.38 -14.55
C ALA A 332 4.59 -8.85 -13.50
N LEU A 333 4.95 -9.93 -12.79
CA LEU A 333 4.09 -10.50 -11.76
C LEU A 333 3.97 -9.64 -10.49
N THR A 334 5.08 -9.04 -10.08
CA THR A 334 5.09 -8.20 -8.89
C THR A 334 4.39 -6.87 -9.15
N MET A 335 4.54 -6.35 -10.36
CA MET A 335 3.89 -5.09 -10.72
C MET A 335 2.39 -5.21 -10.59
N LEU A 336 1.82 -6.30 -11.13
CA LEU A 336 0.38 -6.51 -11.06
C LEU A 336 -0.07 -6.79 -9.62
N CYS A 337 0.87 -7.21 -8.77
CA CYS A 337 0.55 -7.48 -7.36
C CYS A 337 0.42 -6.17 -6.59
N CYS A 338 1.15 -5.15 -7.03
CA CYS A 338 1.07 -3.82 -6.42
C CYS A 338 -0.27 -3.26 -6.87
N GLN A 339 -0.63 -3.56 -8.12
CA GLN A 339 -1.86 -3.11 -8.74
C GLN A 339 -3.11 -3.60 -8.01
N VAL A 340 -3.11 -4.87 -7.60
CA VAL A 340 -4.25 -5.44 -6.88
C VAL A 340 -4.35 -4.80 -5.50
N MET A 341 -3.20 -4.56 -4.89
CA MET A 341 -3.10 -3.94 -3.57
C MET A 341 -3.73 -2.55 -3.64
N GLY A 342 -3.40 -1.81 -4.69
CA GLY A 342 -3.93 -0.46 -4.89
C GLY A 342 -5.41 -0.48 -5.27
N ASN A 343 -5.82 -1.52 -5.98
CA ASN A 343 -7.22 -1.64 -6.40
C ASN A 343 -8.11 -1.89 -5.20
N ASP A 344 -7.57 -2.53 -4.17
CA ASP A 344 -8.35 -2.83 -2.96
C ASP A 344 -8.80 -1.57 -2.27
N VAL A 345 -7.91 -0.58 -2.22
CA VAL A 345 -8.21 0.70 -1.58
C VAL A 345 -9.36 1.38 -2.30
N ALA A 346 -9.23 1.49 -3.62
CA ALA A 346 -10.27 2.10 -4.46
C ALA A 346 -11.62 1.42 -4.22
N ILE A 347 -11.61 0.10 -4.14
CA ILE A 347 -12.82 -0.67 -3.89
C ILE A 347 -13.39 -0.43 -2.50
N ASN A 348 -12.52 -0.38 -1.49
CA ASN A 348 -12.94 -0.16 -0.10
C ASN A 348 -13.61 1.20 0.02
N MET A 349 -12.94 2.22 -0.50
CA MET A 349 -13.46 3.58 -0.47
C MET A 349 -14.83 3.65 -1.12
N GLY A 350 -15.01 2.91 -2.21
CA GLY A 350 -16.29 2.89 -2.91
C GLY A 350 -17.30 2.02 -2.18
N GLY A 351 -16.84 0.92 -1.60
CA GLY A 351 -17.73 0.02 -0.90
C GLY A 351 -18.27 0.53 0.43
N ALA A 352 -17.64 1.59 0.96
CA ALA A 352 -18.06 2.18 2.22
C ALA A 352 -18.82 3.48 2.02
N SER A 353 -18.84 3.97 0.78
CA SER A 353 -19.50 5.23 0.48
C SER A 353 -20.96 5.15 0.03
N GLY A 354 -21.63 4.04 0.35
CA GLY A 354 -23.02 3.91 -0.03
C GLY A 354 -23.93 4.76 0.84
N ASN A 355 -25.10 5.11 0.33
CA ASN A 355 -26.06 5.93 1.07
C ASN A 355 -27.48 5.40 0.94
N PHE A 356 -28.13 5.27 2.08
CA PHE A 356 -29.51 4.80 2.16
C PHE A 356 -29.83 3.53 1.36
N GLU A 357 -30.63 3.66 0.31
CA GLU A 357 -31.04 2.52 -0.50
C GLU A 357 -30.18 2.06 -1.67
N LEU A 358 -29.11 2.77 -1.99
CA LEU A 358 -28.28 2.35 -3.12
C LEU A 358 -26.83 2.86 -3.07
N ASN A 359 -25.90 1.99 -3.46
CA ASN A 359 -24.48 2.35 -3.51
C ASN A 359 -24.18 2.77 -4.95
N VAL A 360 -23.79 4.02 -5.13
CA VAL A 360 -23.49 4.55 -6.46
C VAL A 360 -22.00 4.72 -6.76
N PHE A 361 -21.24 3.65 -6.56
CA PHE A 361 -19.81 3.61 -6.84
C PHE A 361 -19.55 2.28 -7.54
N ARG A 362 -20.63 1.66 -8.02
CA ARG A 362 -20.59 0.36 -8.68
C ARG A 362 -19.71 0.16 -9.90
N PRO A 363 -19.91 0.95 -10.98
CA PRO A 363 -19.07 0.79 -12.17
C PRO A 363 -17.58 0.77 -11.85
N MET A 364 -17.17 1.64 -10.91
CA MET A 364 -15.77 1.71 -10.50
C MET A 364 -15.35 0.42 -9.79
N VAL A 365 -16.16 -0.06 -8.85
CA VAL A 365 -15.83 -1.27 -8.10
C VAL A 365 -15.67 -2.47 -9.02
N ILE A 366 -16.67 -2.70 -9.89
CA ILE A 366 -16.60 -3.82 -10.82
C ILE A 366 -15.40 -3.66 -11.75
N HIS A 367 -15.09 -2.42 -12.12
CA HIS A 367 -13.94 -2.13 -12.98
C HIS A 367 -12.67 -2.63 -12.30
N ASN A 368 -12.45 -2.18 -11.05
CA ASN A 368 -11.27 -2.58 -10.29
C ASN A 368 -11.25 -4.07 -9.96
N PHE A 369 -12.39 -4.60 -9.52
CA PHE A 369 -12.49 -6.01 -9.16
C PHE A 369 -12.11 -6.90 -10.35
N LEU A 370 -12.83 -6.77 -11.46
CA LEU A 370 -12.55 -7.57 -12.64
C LEU A 370 -11.13 -7.44 -13.17
N GLN A 371 -10.52 -6.26 -12.98
CA GLN A 371 -9.15 -6.07 -13.44
C GLN A 371 -8.22 -6.99 -12.66
N SER A 372 -8.41 -7.03 -11.34
CA SER A 372 -7.60 -7.86 -10.46
C SER A 372 -7.70 -9.35 -10.83
N VAL A 373 -8.92 -9.80 -11.15
CA VAL A 373 -9.14 -11.18 -11.52
C VAL A 373 -8.40 -11.52 -12.82
N ARG A 374 -8.39 -10.57 -13.75
CA ARG A 374 -7.69 -10.76 -15.03
C ARG A 374 -6.19 -10.78 -14.76
N LEU A 375 -5.71 -9.78 -14.02
CA LEU A 375 -4.30 -9.64 -13.67
C LEU A 375 -3.75 -10.89 -13.00
N LEU A 376 -4.40 -11.29 -11.91
CA LEU A 376 -3.97 -12.46 -11.16
C LEU A 376 -4.03 -13.73 -12.00
N ALA A 377 -5.18 -14.01 -12.62
CA ALA A 377 -5.36 -15.19 -13.45
C ALA A 377 -4.35 -15.31 -14.60
N ASP A 378 -4.20 -14.24 -15.38
CA ASP A 378 -3.25 -14.23 -16.50
C ASP A 378 -1.83 -14.23 -15.97
N GLY A 379 -1.62 -13.51 -14.86
CA GLY A 379 -0.32 -13.42 -14.25
C GLY A 379 0.23 -14.76 -13.79
N MET A 380 -0.63 -15.62 -13.27
CA MET A 380 -0.21 -16.94 -12.81
C MET A 380 0.06 -17.88 -13.98
N GLU A 381 -0.73 -17.77 -15.04
CA GLU A 381 -0.55 -18.61 -16.22
C GLU A 381 0.76 -18.23 -16.91
N SER A 382 0.97 -16.92 -17.05
CA SER A 382 2.16 -16.40 -17.69
C SER A 382 3.40 -16.75 -16.87
N PHE A 383 3.30 -16.65 -15.55
CA PHE A 383 4.40 -16.97 -14.65
C PHE A 383 4.70 -18.47 -14.69
N ASN A 384 3.64 -19.27 -14.70
CA ASN A 384 3.75 -20.72 -14.73
C ASN A 384 4.51 -21.28 -15.94
N LYS A 385 3.95 -21.07 -17.13
CA LYS A 385 4.54 -21.54 -18.37
C LYS A 385 5.92 -20.94 -18.68
N HIS A 386 6.04 -19.63 -18.60
CA HIS A 386 7.31 -18.97 -18.92
C HIS A 386 8.35 -18.83 -17.82
N CYS A 387 8.18 -19.55 -16.71
CA CYS A 387 9.14 -19.49 -15.62
C CYS A 387 9.06 -20.68 -14.67
N ALA A 388 7.99 -20.74 -13.89
CA ALA A 388 7.79 -21.81 -12.89
C ALA A 388 8.17 -23.21 -13.33
N VAL A 389 7.71 -23.64 -14.51
CA VAL A 389 8.01 -24.96 -15.03
C VAL A 389 9.49 -25.14 -15.40
N GLY A 390 10.14 -24.04 -15.75
CA GLY A 390 11.54 -24.11 -16.13
C GLY A 390 12.55 -23.94 -15.01
N ILE A 391 12.09 -23.93 -13.77
CA ILE A 391 12.98 -23.78 -12.62
C ILE A 391 13.84 -25.03 -12.39
N GLU A 392 15.15 -24.86 -12.49
CA GLU A 392 16.13 -25.92 -12.28
C GLU A 392 17.22 -25.40 -11.35
N PRO A 393 17.66 -26.21 -10.38
CA PRO A 393 18.71 -25.83 -9.42
C PRO A 393 20.14 -25.89 -9.94
N ASN A 394 20.95 -24.91 -9.54
CA ASN A 394 22.35 -24.86 -9.93
C ASN A 394 23.13 -25.54 -8.80
N ARG A 395 23.12 -26.86 -8.81
CA ARG A 395 23.76 -27.69 -7.80
C ARG A 395 25.20 -27.36 -7.38
N GLU A 396 26.04 -26.96 -8.33
CA GLU A 396 27.41 -26.62 -7.99
C GLU A 396 27.49 -25.34 -7.15
N ARG A 397 26.69 -24.34 -7.51
CA ARG A 397 26.66 -23.06 -6.78
C ARG A 397 26.00 -23.23 -5.42
N ILE A 398 25.01 -24.13 -5.34
CA ILE A 398 24.30 -24.40 -4.10
C ILE A 398 25.25 -24.97 -3.03
N ASN A 399 26.02 -25.99 -3.42
CA ASN A 399 26.98 -26.61 -2.50
C ASN A 399 28.14 -25.69 -2.16
N GLN A 400 28.62 -24.94 -3.15
CA GLN A 400 29.72 -24.01 -2.94
C GLN A 400 29.38 -23.07 -1.79
N LEU A 401 28.14 -22.56 -1.79
CA LEU A 401 27.65 -21.66 -0.75
C LEU A 401 27.36 -22.37 0.57
N LEU A 402 27.07 -23.67 0.52
CA LEU A 402 26.78 -24.44 1.73
C LEU A 402 28.07 -24.75 2.47
N ASN A 403 29.12 -25.08 1.72
CA ASN A 403 30.41 -25.42 2.31
C ASN A 403 31.15 -24.19 2.81
N GLU A 404 31.05 -23.08 2.08
CA GLU A 404 31.71 -21.84 2.48
C GLU A 404 30.99 -21.18 3.67
N SER A 405 29.80 -21.68 3.99
CA SER A 405 29.01 -21.14 5.10
C SER A 405 29.65 -21.52 6.43
N LEU A 406 29.31 -20.76 7.48
CA LEU A 406 29.83 -20.98 8.82
C LEU A 406 28.77 -21.56 9.75
N MET A 407 27.58 -21.81 9.22
CA MET A 407 26.45 -22.33 10.00
C MET A 407 26.50 -23.83 10.31
N LEU A 408 27.34 -24.56 9.60
CA LEU A 408 27.47 -26.01 9.80
C LEU A 408 28.27 -26.40 11.05
N VAL A 409 28.74 -25.38 11.78
CA VAL A 409 29.53 -25.59 13.00
C VAL A 409 28.68 -26.23 14.10
N THR A 410 27.36 -26.13 13.96
CA THR A 410 26.42 -26.66 14.93
C THR A 410 26.47 -28.19 15.07
N ALA A 411 26.93 -28.87 14.01
CA ALA A 411 27.03 -30.33 14.02
C ALA A 411 28.17 -30.86 14.91
N LEU A 412 29.23 -30.07 15.03
CA LEU A 412 30.39 -30.44 15.83
C LEU A 412 30.24 -30.19 17.34
N ASN A 413 29.07 -29.72 17.75
CA ASN A 413 28.81 -29.43 19.16
C ASN A 413 28.57 -30.72 19.94
N THR A 414 27.90 -31.68 19.32
CA THR A 414 27.60 -32.97 19.95
C THR A 414 28.71 -33.99 19.66
N HIS A 415 29.91 -33.48 19.37
CA HIS A 415 31.06 -34.31 19.07
C HIS A 415 32.30 -33.80 19.79
N ILE A 416 32.82 -32.67 19.33
CA ILE A 416 34.02 -32.06 19.91
C ILE A 416 33.70 -31.08 21.04
N GLY A 417 32.44 -30.71 21.15
CA GLY A 417 32.02 -29.78 22.20
C GLY A 417 31.68 -28.39 21.69
N TYR A 418 31.01 -27.61 22.53
CA TYR A 418 30.62 -26.24 22.18
C TYR A 418 31.82 -25.30 22.22
N ASP A 419 32.79 -25.63 23.06
CA ASP A 419 34.00 -24.82 23.22
C ASP A 419 34.89 -24.84 21.98
N LYS A 420 35.27 -26.03 21.53
CA LYS A 420 36.13 -26.18 20.35
C LYS A 420 35.42 -25.89 19.03
N ALA A 421 34.13 -26.22 18.96
CA ALA A 421 33.36 -25.98 17.75
C ALA A 421 33.29 -24.48 17.45
N ALA A 422 32.84 -23.70 18.43
CA ALA A 422 32.73 -22.26 18.28
C ALA A 422 34.13 -21.63 18.18
N GLU A 423 35.15 -22.41 18.52
CA GLU A 423 36.53 -21.95 18.49
C GLU A 423 37.08 -21.99 17.06
N ILE A 424 36.76 -23.05 16.32
CA ILE A 424 37.24 -23.19 14.94
C ILE A 424 36.48 -22.25 14.00
N ALA A 425 35.22 -22.00 14.31
CA ALA A 425 34.37 -21.12 13.50
C ALA A 425 34.79 -19.66 13.63
N LYS A 426 35.07 -19.23 14.86
CA LYS A 426 35.49 -17.86 15.13
C LYS A 426 36.84 -17.57 14.50
N LYS A 427 37.60 -18.63 14.23
CA LYS A 427 38.92 -18.51 13.61
C LYS A 427 38.81 -18.57 12.09
N ALA A 428 37.81 -19.30 11.61
CA ALA A 428 37.58 -19.43 10.16
C ALA A 428 37.03 -18.13 9.61
N HIS A 429 36.15 -17.50 10.38
CA HIS A 429 35.53 -16.24 10.01
C HIS A 429 36.55 -15.12 10.07
N LYS A 430 37.19 -14.97 11.23
CA LYS A 430 38.18 -13.93 11.47
C LYS A 430 39.31 -13.90 10.44
N GLU A 431 39.91 -15.05 10.18
CA GLU A 431 41.01 -15.13 9.21
C GLU A 431 40.52 -15.04 7.77
N GLY A 432 39.52 -15.86 7.42
CA GLY A 432 39.00 -15.84 6.07
C GLY A 432 39.12 -17.14 5.32
N LEU A 433 38.50 -18.20 5.84
CA LEU A 433 38.54 -19.51 5.20
C LEU A 433 37.33 -20.37 5.56
N THR A 434 37.37 -21.64 5.15
CA THR A 434 36.29 -22.59 5.40
C THR A 434 36.43 -23.22 6.78
N LEU A 435 35.37 -23.89 7.23
CA LEU A 435 35.37 -24.56 8.53
C LEU A 435 36.25 -25.80 8.47
N LYS A 436 36.26 -26.45 7.31
CA LYS A 436 37.05 -27.66 7.10
C LYS A 436 38.53 -27.39 7.33
N ALA A 437 39.08 -26.44 6.59
CA ALA A 437 40.49 -26.08 6.69
C ALA A 437 40.82 -25.45 8.05
N ALA A 438 39.81 -24.87 8.70
CA ALA A 438 39.97 -24.24 10.01
C ALA A 438 40.15 -25.26 11.11
N ALA A 439 39.35 -26.33 11.06
CA ALA A 439 39.41 -27.39 12.07
C ALA A 439 40.62 -28.30 11.81
N LEU A 440 40.95 -28.48 10.55
CA LEU A 440 42.07 -29.31 10.11
C LEU A 440 43.41 -28.68 10.52
N ALA A 441 43.47 -27.36 10.51
CA ALA A 441 44.68 -26.63 10.89
C ALA A 441 44.89 -26.58 12.40
N LEU A 442 43.79 -26.65 13.15
CA LEU A 442 43.86 -26.60 14.61
C LEU A 442 44.15 -27.96 15.24
N GLY A 443 44.24 -28.99 14.41
CA GLY A 443 44.51 -30.33 14.91
C GLY A 443 43.37 -30.95 15.69
N TYR A 444 42.22 -30.28 15.72
CA TYR A 444 41.06 -30.78 16.44
C TYR A 444 40.47 -31.97 15.69
N LEU A 445 40.44 -31.85 14.35
CA LEU A 445 39.91 -32.90 13.49
C LEU A 445 40.81 -33.16 12.29
N SER A 446 40.43 -34.16 11.50
CA SER A 446 41.15 -34.54 10.29
C SER A 446 40.17 -34.52 9.13
N GLU A 447 40.68 -34.60 7.90
CA GLU A 447 39.83 -34.58 6.71
C GLU A 447 38.77 -35.69 6.75
N ALA A 448 39.14 -36.83 7.35
CA ALA A 448 38.24 -37.96 7.46
C ALA A 448 37.17 -37.70 8.52
N GLU A 449 37.58 -37.06 9.62
CA GLU A 449 36.66 -36.75 10.71
C GLU A 449 35.64 -35.69 10.36
N PHE A 450 36.10 -34.58 9.78
CA PHE A 450 35.22 -33.47 9.41
C PHE A 450 34.14 -33.90 8.42
N ASP A 451 34.57 -34.37 7.24
CA ASP A 451 33.64 -34.80 6.19
C ASP A 451 32.68 -35.91 6.63
N SER A 452 32.97 -36.54 7.76
CA SER A 452 32.14 -37.61 8.28
C SER A 452 31.12 -37.10 9.29
N TRP A 453 31.56 -36.22 10.19
CA TRP A 453 30.69 -35.66 11.23
C TRP A 453 29.78 -34.55 10.72
N VAL A 454 30.31 -33.68 9.87
CA VAL A 454 29.55 -32.57 9.31
C VAL A 454 28.70 -33.05 8.12
N ARG A 455 27.49 -33.53 8.43
CA ARG A 455 26.57 -34.01 7.41
C ARG A 455 25.37 -33.07 7.28
N PRO A 456 25.33 -32.25 6.22
CA PRO A 456 24.23 -31.31 6.01
C PRO A 456 22.88 -32.00 5.71
N GLU A 457 22.93 -33.17 5.10
CA GLU A 457 21.73 -33.92 4.76
C GLU A 457 20.95 -34.41 5.98
N GLN A 458 21.58 -34.34 7.14
CA GLN A 458 20.95 -34.74 8.40
C GLN A 458 20.61 -33.49 9.22
N MET A 459 20.57 -32.35 8.53
CA MET A 459 20.27 -31.06 9.13
C MET A 459 21.32 -30.62 10.15
N MET B 1 -7.11 8.57 44.05
CA MET B 1 -7.96 8.83 45.25
C MET B 1 -9.37 8.33 45.08
N ASN B 2 -9.89 7.64 46.09
CA ASN B 2 -11.24 7.14 46.07
C ASN B 2 -12.21 8.33 46.17
N THR B 3 -11.76 9.38 46.84
CA THR B 3 -12.54 10.60 47.04
C THR B 3 -12.74 11.39 45.75
N VAL B 4 -13.97 11.86 45.54
CA VAL B 4 -14.31 12.61 44.35
C VAL B 4 -15.06 13.90 44.67
N ARG B 5 -14.89 14.90 43.82
CA ARG B 5 -15.62 16.16 44.01
C ARG B 5 -16.81 16.13 43.07
N SER B 6 -17.78 17.01 43.30
CA SER B 6 -18.98 17.03 42.46
C SER B 6 -19.08 18.22 41.52
N GLU B 7 -18.59 18.06 40.30
CA GLU B 7 -18.66 19.10 39.28
C GLU B 7 -19.88 18.85 38.41
N LYS B 8 -20.31 19.84 37.63
CA LYS B 8 -21.48 19.66 36.79
C LYS B 8 -21.57 20.54 35.54
N ASP B 9 -22.17 19.99 34.50
CA ASP B 9 -22.35 20.71 33.25
C ASP B 9 -23.86 20.91 33.04
N SER B 10 -24.24 21.33 31.84
CA SER B 10 -25.64 21.56 31.49
C SER B 10 -26.59 20.35 31.61
N MET B 11 -26.04 19.15 31.75
CA MET B 11 -26.86 17.95 31.86
C MET B 11 -27.01 17.43 33.30
N GLY B 12 -26.21 17.95 34.21
CA GLY B 12 -26.29 17.53 35.60
C GLY B 12 -24.93 17.46 36.27
N ALA B 13 -24.90 16.89 37.48
CA ALA B 13 -23.66 16.74 38.26
C ALA B 13 -23.03 15.38 38.07
N ILE B 14 -21.69 15.36 38.00
CA ILE B 14 -20.95 14.12 37.82
C ILE B 14 -19.69 14.07 38.67
N ASP B 15 -19.40 12.90 39.24
CA ASP B 15 -18.23 12.71 40.08
C ASP B 15 -16.90 12.67 39.33
N VAL B 16 -16.09 13.69 39.56
CA VAL B 16 -14.77 13.77 38.94
C VAL B 16 -13.78 13.48 40.09
N PRO B 17 -12.69 12.75 39.82
CA PRO B 17 -11.72 12.45 40.87
C PRO B 17 -11.17 13.73 41.52
N ALA B 18 -11.26 13.79 42.84
CA ALA B 18 -10.79 14.94 43.60
C ALA B 18 -9.34 15.32 43.35
N ASP B 19 -8.54 14.37 42.87
CA ASP B 19 -7.12 14.62 42.59
C ASP B 19 -6.83 14.99 41.13
N LYS B 20 -7.88 15.34 40.38
CA LYS B 20 -7.72 15.72 38.99
C LYS B 20 -8.20 17.15 38.72
N LEU B 21 -7.63 17.77 37.68
CA LEU B 21 -7.97 19.14 37.30
C LEU B 21 -9.07 19.25 36.26
N TRP B 22 -9.41 18.15 35.59
CA TRP B 22 -10.46 18.20 34.58
C TRP B 22 -11.85 18.36 35.21
N GLY B 23 -12.83 18.76 34.41
CA GLY B 23 -14.16 18.98 34.93
C GLY B 23 -15.22 17.94 34.62
N ALA B 24 -16.47 18.40 34.65
CA ALA B 24 -17.63 17.57 34.39
C ALA B 24 -17.71 16.96 33.01
N GLN B 25 -17.36 17.74 31.99
CA GLN B 25 -17.43 17.28 30.61
C GLN B 25 -16.36 16.27 30.22
N THR B 26 -15.14 16.49 30.68
CA THR B 26 -14.04 15.57 30.37
C THR B 26 -14.33 14.21 31.00
N GLN B 27 -15.04 14.22 32.12
CA GLN B 27 -15.40 12.98 32.81
C GLN B 27 -16.56 12.29 32.11
N ARG B 28 -17.49 13.08 31.61
CA ARG B 28 -18.67 12.54 30.93
C ARG B 28 -18.26 11.90 29.60
N SER B 29 -17.27 12.51 28.95
CA SER B 29 -16.75 12.00 27.68
C SER B 29 -16.04 10.67 27.91
N LEU B 30 -15.25 10.62 28.99
CA LEU B 30 -14.48 9.44 29.36
C LEU B 30 -15.33 8.18 29.51
N GLU B 31 -16.55 8.34 30.00
CA GLU B 31 -17.44 7.21 30.20
C GLU B 31 -18.27 6.86 28.97
N HIS B 32 -18.28 7.75 27.99
CA HIS B 32 -19.03 7.55 26.76
C HIS B 32 -18.15 7.15 25.57
N PHE B 33 -16.84 7.30 25.73
CA PHE B 33 -15.91 6.97 24.65
C PHE B 33 -14.74 6.07 25.03
N ARG B 34 -15.05 4.92 25.63
CA ARG B 34 -14.02 3.97 26.00
C ARG B 34 -13.73 3.08 24.79
N ILE B 35 -12.86 3.57 23.91
CA ILE B 35 -12.48 2.87 22.69
C ILE B 35 -10.96 2.83 22.55
N SER B 36 -10.40 1.63 22.51
CA SER B 36 -8.97 1.39 22.36
C SER B 36 -8.08 2.08 23.39
N THR B 37 -6.78 2.16 23.09
CA THR B 37 -5.81 2.75 24.00
C THR B 37 -5.19 4.08 23.56
N GLU B 38 -5.47 4.50 22.34
CA GLU B 38 -4.88 5.75 21.83
C GLU B 38 -5.45 7.01 22.47
N LYS B 39 -4.56 7.84 23.02
CA LYS B 39 -4.91 9.10 23.65
C LYS B 39 -4.27 10.20 22.79
N MET B 40 -4.74 11.43 22.93
CA MET B 40 -4.15 12.55 22.18
C MET B 40 -2.67 12.64 22.51
N PRO B 41 -1.80 12.74 21.48
CA PRO B 41 -0.35 12.84 21.73
C PRO B 41 0.03 14.13 22.45
N THR B 42 1.09 14.09 23.24
CA THR B 42 1.54 15.27 23.98
C THR B 42 1.87 16.46 23.06
N SER B 43 2.42 16.16 21.88
CA SER B 43 2.77 17.20 20.91
C SER B 43 1.57 18.03 20.50
N LEU B 44 0.40 17.41 20.48
CA LEU B 44 -0.85 18.08 20.14
C LEU B 44 -1.44 18.82 21.36
N ILE B 45 -1.24 18.26 22.55
CA ILE B 45 -1.72 18.88 23.79
C ILE B 45 -1.02 20.23 24.01
N HIS B 46 0.29 20.24 23.82
CA HIS B 46 1.07 21.46 23.96
C HIS B 46 0.65 22.49 22.91
N ALA B 47 0.19 22.00 21.77
CA ALA B 47 -0.28 22.88 20.70
C ALA B 47 -1.58 23.55 21.13
N LEU B 48 -2.37 22.81 21.92
CA LEU B 48 -3.63 23.31 22.43
C LEU B 48 -3.35 24.36 23.50
N ALA B 49 -2.38 24.08 24.36
CA ALA B 49 -2.00 25.00 25.43
C ALA B 49 -1.59 26.32 24.82
N LEU B 50 -0.71 26.25 23.82
CA LEU B 50 -0.21 27.43 23.11
C LEU B 50 -1.31 28.24 22.46
N THR B 51 -2.33 27.56 21.94
CA THR B 51 -3.45 28.24 21.29
C THR B 51 -4.25 29.02 22.33
N LYS B 52 -4.56 28.36 23.45
CA LYS B 52 -5.30 28.96 24.55
C LYS B 52 -4.51 30.11 25.16
N ARG B 53 -3.19 29.92 25.24
CA ARG B 53 -2.28 30.92 25.79
C ARG B 53 -2.31 32.15 24.91
N ALA B 54 -2.19 31.92 23.60
CA ALA B 54 -2.19 32.99 22.59
C ALA B 54 -3.50 33.75 22.62
N ALA B 55 -4.59 33.02 22.83
CA ALA B 55 -5.93 33.62 22.87
C ALA B 55 -6.06 34.55 24.08
N ALA B 56 -5.54 34.12 25.22
CA ALA B 56 -5.60 34.91 26.45
C ALA B 56 -4.91 36.26 26.27
N LYS B 57 -3.68 36.22 25.77
CA LYS B 57 -2.90 37.44 25.54
C LYS B 57 -3.65 38.43 24.65
N VAL B 58 -4.21 37.92 23.55
CA VAL B 58 -4.96 38.74 22.60
C VAL B 58 -6.24 39.28 23.23
N ASN B 59 -6.99 38.41 23.92
CA ASN B 59 -8.23 38.82 24.59
C ASN B 59 -7.93 39.92 25.60
N GLU B 60 -6.75 39.87 26.22
CA GLU B 60 -6.35 40.89 27.19
C GLU B 60 -6.11 42.18 26.43
N ASP B 61 -5.29 42.12 25.38
CA ASP B 61 -4.97 43.28 24.56
C ASP B 61 -6.22 43.93 24.00
N LEU B 62 -7.20 43.11 23.64
CA LEU B 62 -8.46 43.61 23.10
C LEU B 62 -9.49 43.80 24.21
N GLY B 63 -8.98 44.02 25.42
CA GLY B 63 -9.82 44.26 26.59
C GLY B 63 -11.06 43.40 26.76
N LEU B 64 -10.97 42.13 26.39
CA LEU B 64 -12.10 41.22 26.51
C LEU B 64 -11.97 40.29 27.72
N LEU B 65 -10.79 40.29 28.33
CA LEU B 65 -10.50 39.44 29.48
C LEU B 65 -9.60 40.21 30.47
N SER B 66 -10.00 40.25 31.73
CA SER B 66 -9.23 40.96 32.77
C SER B 66 -7.79 40.46 32.92
N GLU B 67 -6.87 41.39 33.09
CA GLU B 67 -5.44 41.09 33.24
C GLU B 67 -5.15 39.97 34.24
N GLU B 68 -5.68 40.11 35.46
CA GLU B 68 -5.47 39.13 36.52
C GLU B 68 -5.94 37.73 36.11
N LYS B 69 -7.05 37.69 35.37
CA LYS B 69 -7.62 36.43 34.91
C LYS B 69 -6.90 35.87 33.66
N ALA B 70 -6.33 36.75 32.85
CA ALA B 70 -5.61 36.33 31.64
C ALA B 70 -4.25 35.74 31.99
N SER B 71 -3.56 36.38 32.94
CA SER B 71 -2.24 35.91 33.38
C SER B 71 -2.32 34.57 34.10
N ALA B 72 -3.48 34.28 34.70
CA ALA B 72 -3.70 33.03 35.40
C ALA B 72 -3.84 31.89 34.40
N ILE B 73 -4.62 32.13 33.34
CA ILE B 73 -4.85 31.15 32.29
C ILE B 73 -3.57 30.98 31.49
N ARG B 74 -2.83 32.08 31.35
CA ARG B 74 -1.57 32.07 30.62
C ARG B 74 -0.54 31.28 31.41
N GLN B 75 -0.50 31.51 32.72
CA GLN B 75 0.44 30.83 33.61
C GLN B 75 0.13 29.33 33.72
N ALA B 76 -1.16 29.00 33.63
CA ALA B 76 -1.60 27.62 33.70
C ALA B 76 -1.18 26.86 32.44
N ALA B 77 -1.21 27.54 31.29
CA ALA B 77 -0.83 26.95 30.02
C ALA B 77 0.66 26.61 30.00
N ASP B 78 1.48 27.54 30.47
CA ASP B 78 2.93 27.33 30.54
C ASP B 78 3.25 26.13 31.42
N GLU B 79 2.40 25.89 32.42
CA GLU B 79 2.56 24.78 33.34
C GLU B 79 2.43 23.47 32.56
N VAL B 80 1.45 23.42 31.67
CA VAL B 80 1.21 22.26 30.82
C VAL B 80 2.40 22.09 29.87
N LEU B 81 2.86 23.22 29.33
CA LEU B 81 4.00 23.24 28.41
C LEU B 81 5.31 22.78 29.04
N ALA B 82 5.33 22.71 30.37
CA ALA B 82 6.51 22.28 31.12
C ALA B 82 6.42 20.79 31.50
N GLY B 83 5.38 20.12 31.03
CA GLY B 83 5.20 18.70 31.31
C GLY B 83 4.68 18.40 32.71
N GLN B 84 3.97 19.35 33.29
CA GLN B 84 3.43 19.20 34.63
C GLN B 84 2.04 18.59 34.75
N HIS B 85 1.24 18.68 33.68
CA HIS B 85 -0.12 18.14 33.73
C HIS B 85 -0.46 17.13 32.64
N ASP B 86 0.50 16.28 32.27
CA ASP B 86 0.28 15.28 31.23
C ASP B 86 -0.78 14.23 31.54
N ASP B 87 -0.99 13.94 32.82
CA ASP B 87 -1.98 12.94 33.24
C ASP B 87 -3.39 13.52 33.31
N GLU B 88 -3.52 14.81 32.98
CA GLU B 88 -4.82 15.49 33.02
C GLU B 88 -5.61 15.42 31.71
N PHE B 89 -5.11 14.68 30.73
CA PHE B 89 -5.78 14.56 29.44
C PHE B 89 -5.96 13.08 29.04
N PRO B 90 -6.99 12.42 29.60
CA PRO B 90 -7.32 11.01 29.36
C PRO B 90 -8.15 10.67 28.14
N LEU B 91 -8.88 11.64 27.60
CA LEU B 91 -9.73 11.41 26.45
C LEU B 91 -9.01 10.79 25.26
N ALA B 92 -9.62 9.72 24.72
CA ALA B 92 -9.07 9.01 23.57
C ALA B 92 -9.22 9.79 22.27
N ILE B 93 -8.61 9.27 21.21
CA ILE B 93 -8.66 9.88 19.89
C ILE B 93 -10.06 9.75 19.31
N TRP B 94 -10.64 8.57 19.48
CA TRP B 94 -11.97 8.24 18.99
C TRP B 94 -13.06 8.95 19.79
N GLN B 95 -13.34 10.20 19.41
CA GLN B 95 -14.34 11.03 20.08
C GLN B 95 -15.09 11.83 19.02
N THR B 96 -15.47 13.06 19.37
CA THR B 96 -16.17 13.94 18.44
C THR B 96 -15.22 14.31 17.31
N GLY B 97 -15.71 14.20 16.07
CA GLY B 97 -14.88 14.51 14.91
C GLY B 97 -14.29 15.91 14.88
N SER B 98 -14.85 16.82 15.66
CA SER B 98 -14.35 18.18 15.71
C SER B 98 -13.30 18.37 16.79
N GLY B 99 -13.20 17.41 17.71
CA GLY B 99 -12.21 17.49 18.79
C GLY B 99 -12.67 18.44 19.88
N THR B 100 -13.98 18.53 20.03
CA THR B 100 -14.61 19.39 21.01
C THR B 100 -14.30 18.95 22.44
N GLN B 101 -14.36 17.64 22.64
CA GLN B 101 -14.10 17.08 23.94
C GLN B 101 -12.70 17.37 24.44
N SER B 102 -11.71 17.34 23.55
CA SER B 102 -10.34 17.65 23.95
C SER B 102 -10.19 19.15 24.15
N ASN B 103 -11.05 19.93 23.50
CA ASN B 103 -11.00 21.38 23.63
C ASN B 103 -11.53 21.71 25.02
N MET B 104 -12.59 21.02 25.41
CA MET B 104 -13.20 21.21 26.72
C MET B 104 -12.22 20.75 27.79
N ASN B 105 -11.57 19.61 27.52
CA ASN B 105 -10.58 19.02 28.40
C ASN B 105 -9.51 20.06 28.76
N MET B 106 -9.03 20.78 27.75
CA MET B 106 -8.03 21.80 27.99
C MET B 106 -8.67 22.99 28.73
N ASN B 107 -9.88 23.36 28.34
CA ASN B 107 -10.59 24.47 28.98
C ASN B 107 -10.81 24.26 30.46
N GLU B 108 -11.24 23.05 30.83
CA GLU B 108 -11.49 22.72 32.23
C GLU B 108 -10.21 22.60 33.06
N VAL B 109 -9.22 21.88 32.54
CA VAL B 109 -7.94 21.73 33.23
C VAL B 109 -7.34 23.11 33.49
N LEU B 110 -7.38 23.97 32.47
CA LEU B 110 -6.85 25.34 32.59
C LEU B 110 -7.70 26.22 33.50
N ALA B 111 -9.00 25.97 33.55
CA ALA B 111 -9.91 26.75 34.41
C ALA B 111 -9.60 26.47 35.88
N ASN B 112 -9.79 25.22 36.29
CA ASN B 112 -9.54 24.79 37.65
C ASN B 112 -8.14 25.18 38.13
N ARG B 113 -7.15 25.06 37.25
CA ARG B 113 -5.76 25.39 37.59
C ARG B 113 -5.54 26.88 37.80
N ALA B 114 -6.01 27.69 36.85
CA ALA B 114 -5.87 29.14 36.93
C ALA B 114 -6.55 29.68 38.18
N SER B 115 -7.65 29.04 38.57
CA SER B 115 -8.40 29.44 39.75
C SER B 115 -7.55 29.27 41.01
N GLU B 116 -6.68 28.27 41.00
CA GLU B 116 -5.81 27.99 42.13
C GLU B 116 -4.63 28.97 42.20
N LEU B 117 -4.34 29.63 41.08
CA LEU B 117 -3.27 30.62 41.01
C LEU B 117 -3.78 31.97 41.50
N LEU B 118 -5.10 32.16 41.37
CA LEU B 118 -5.73 33.40 41.83
C LEU B 118 -6.24 33.23 43.26
N GLY B 119 -5.71 32.23 43.95
CA GLY B 119 -6.11 31.98 45.34
C GLY B 119 -7.37 31.18 45.51
N GLY B 120 -8.20 31.11 44.46
CA GLY B 120 -9.43 30.35 44.55
C GLY B 120 -9.18 28.85 44.48
N VAL B 121 -10.22 28.08 44.20
CA VAL B 121 -10.11 26.64 44.11
C VAL B 121 -10.72 26.04 42.84
N ARG B 122 -10.57 24.72 42.71
CA ARG B 122 -11.12 24.01 41.57
C ARG B 122 -12.56 23.60 41.90
N GLY B 123 -13.31 23.19 40.88
CA GLY B 123 -14.69 22.79 41.11
C GLY B 123 -15.65 23.91 40.79
N MET B 124 -16.89 23.81 41.30
CA MET B 124 -17.93 24.80 41.03
C MET B 124 -17.71 26.20 41.61
N GLU B 125 -16.82 26.31 42.59
CA GLU B 125 -16.52 27.60 43.20
C GLU B 125 -15.33 28.25 42.48
N ARG B 126 -15.24 27.98 41.18
CA ARG B 126 -14.18 28.52 40.33
C ARG B 126 -14.18 30.03 40.22
N LYS B 127 -12.97 30.60 40.18
CA LYS B 127 -12.80 32.04 40.00
C LYS B 127 -12.61 32.27 38.50
N VAL B 128 -12.21 31.21 37.80
CA VAL B 128 -11.99 31.23 36.36
C VAL B 128 -12.92 30.20 35.70
N HIS B 129 -13.64 30.64 34.68
CA HIS B 129 -14.59 29.78 33.97
C HIS B 129 -14.02 29.14 32.71
N PRO B 130 -14.27 27.83 32.55
CA PRO B 130 -13.82 27.02 31.41
C PRO B 130 -14.19 27.61 30.05
N ASN B 131 -15.49 27.64 29.77
CA ASN B 131 -16.01 28.16 28.51
C ASN B 131 -15.95 29.68 28.42
N ASP B 132 -16.60 30.37 29.37
CA ASP B 132 -16.63 31.83 29.38
C ASP B 132 -15.26 32.50 29.29
N ASP B 133 -14.37 32.19 30.23
CA ASP B 133 -13.04 32.80 30.28
C ASP B 133 -11.99 32.22 29.34
N VAL B 134 -11.65 30.94 29.54
CA VAL B 134 -10.63 30.26 28.75
C VAL B 134 -10.97 30.09 27.26
N ASN B 135 -12.22 29.70 26.97
CA ASN B 135 -12.66 29.51 25.58
C ASN B 135 -13.29 30.80 25.04
N LYS B 136 -12.76 31.94 25.51
CA LYS B 136 -13.24 33.26 25.11
C LYS B 136 -13.05 33.52 23.62
N SER B 137 -14.11 34.04 22.97
CA SER B 137 -14.09 34.37 21.55
C SER B 137 -13.58 33.23 20.67
N GLN B 138 -13.77 32.00 21.15
CA GLN B 138 -13.34 30.81 20.43
C GLN B 138 -14.49 29.88 20.08
N SER B 139 -14.09 28.75 19.54
CA SER B 139 -14.99 27.73 19.07
C SER B 139 -14.11 26.48 18.91
N SER B 140 -14.53 25.33 19.48
CA SER B 140 -13.79 24.06 19.37
C SER B 140 -13.62 23.70 17.89
N ASN B 141 -14.42 24.34 17.04
CA ASN B 141 -14.36 24.09 15.59
C ASN B 141 -13.19 24.78 14.92
N ASP B 142 -12.89 26.00 15.35
CA ASP B 142 -11.77 26.74 14.77
C ASP B 142 -10.48 26.60 15.57
N VAL B 143 -10.62 26.14 16.82
CA VAL B 143 -9.46 25.95 17.69
C VAL B 143 -8.70 24.68 17.40
N PHE B 144 -9.42 23.55 17.29
CA PHE B 144 -8.78 22.26 17.04
C PHE B 144 -7.91 22.27 15.77
N PRO B 145 -8.44 22.77 14.64
CA PRO B 145 -7.65 22.81 13.41
C PRO B 145 -6.35 23.57 13.60
N THR B 146 -6.42 24.64 14.40
CA THR B 146 -5.26 25.47 14.68
C THR B 146 -4.22 24.66 15.44
N ALA B 147 -4.65 23.98 16.50
CA ALA B 147 -3.78 23.14 17.30
C ALA B 147 -3.11 22.10 16.41
N MET B 148 -3.88 21.58 15.46
CA MET B 148 -3.40 20.58 14.51
C MET B 148 -2.22 21.11 13.69
N HIS B 149 -2.41 22.27 13.06
CA HIS B 149 -1.37 22.87 12.22
C HIS B 149 -0.17 23.36 13.04
N VAL B 150 -0.42 23.76 14.28
CA VAL B 150 0.65 24.23 15.15
C VAL B 150 1.49 23.00 15.53
N ALA B 151 0.80 21.90 15.86
CA ALA B 151 1.47 20.66 16.21
C ALA B 151 2.23 20.12 15.01
N ALA B 152 1.57 20.16 13.85
CA ALA B 152 2.15 19.67 12.59
C ALA B 152 3.38 20.43 12.09
N LEU B 153 3.33 21.76 12.12
CA LEU B 153 4.45 22.59 11.64
C LEU B 153 5.70 22.47 12.52
N LEU B 154 5.52 22.51 13.84
CA LEU B 154 6.64 22.42 14.75
C LEU B 154 7.31 21.05 14.73
N ALA B 155 6.51 19.99 14.57
CA ALA B 155 7.04 18.63 14.50
C ALA B 155 7.89 18.49 13.23
N LEU B 156 7.46 19.13 12.14
CA LEU B 156 8.20 19.09 10.89
C LEU B 156 9.48 19.95 10.94
N ARG B 157 9.33 21.18 11.42
CA ARG B 157 10.43 22.13 11.53
C ARG B 157 11.49 21.80 12.58
N LYS B 158 11.05 21.52 13.80
CA LYS B 158 11.97 21.24 14.89
C LYS B 158 12.41 19.80 15.11
N GLN B 159 11.86 18.86 14.34
CA GLN B 159 12.23 17.46 14.51
C GLN B 159 12.62 16.76 13.22
N LEU B 160 11.65 16.58 12.33
CA LEU B 160 11.87 15.91 11.05
C LEU B 160 13.00 16.49 10.21
N ILE B 161 12.84 17.74 9.78
CA ILE B 161 13.84 18.40 8.94
C ILE B 161 15.28 18.33 9.47
N PRO B 162 15.50 18.61 10.77
CA PRO B 162 16.87 18.54 11.30
C PRO B 162 17.49 17.14 11.13
N GLN B 163 16.71 16.11 11.46
CA GLN B 163 17.17 14.72 11.35
C GLN B 163 17.39 14.29 9.90
N LEU B 164 16.58 14.82 9.00
CA LEU B 164 16.69 14.52 7.57
C LEU B 164 17.99 15.11 7.03
N LYS B 165 18.32 16.31 7.51
CA LYS B 165 19.55 17.00 7.10
C LYS B 165 20.78 16.29 7.63
N THR B 166 20.67 15.73 8.83
CA THR B 166 21.79 15.03 9.46
C THR B 166 22.13 13.73 8.73
N LEU B 167 21.11 12.91 8.45
CA LEU B 167 21.32 11.65 7.74
C LEU B 167 21.93 11.94 6.38
N THR B 168 21.45 12.99 5.72
CA THR B 168 21.95 13.39 4.42
C THR B 168 23.46 13.67 4.48
N GLN B 169 23.85 14.51 5.44
CA GLN B 169 25.27 14.86 5.60
C GLN B 169 26.14 13.63 5.84
N THR B 170 25.62 12.68 6.60
CA THR B 170 26.34 11.45 6.89
C THR B 170 26.57 10.72 5.57
N LEU B 171 25.47 10.48 4.87
CA LEU B 171 25.49 9.79 3.58
C LEU B 171 26.36 10.50 2.56
N ASN B 172 26.36 11.84 2.60
CA ASN B 172 27.16 12.64 1.68
C ASN B 172 28.64 12.43 2.00
N GLU B 173 28.97 12.31 3.29
CA GLU B 173 30.35 12.09 3.73
C GLU B 173 30.86 10.74 3.23
N LYS B 174 30.01 9.73 3.37
CA LYS B 174 30.32 8.37 2.94
C LYS B 174 30.57 8.31 1.43
N SER B 175 29.79 9.08 0.67
CA SER B 175 29.92 9.11 -0.79
C SER B 175 31.29 9.54 -1.28
N ARG B 176 31.90 10.51 -0.60
CA ARG B 176 33.22 10.98 -0.98
C ARG B 176 34.31 9.99 -0.58
N ALA B 177 34.13 9.37 0.59
CA ALA B 177 35.09 8.40 1.10
C ALA B 177 35.23 7.18 0.20
N PHE B 178 34.12 6.77 -0.41
CA PHE B 178 34.13 5.61 -1.29
C PHE B 178 33.94 6.02 -2.75
N ALA B 179 34.54 7.15 -3.13
CA ALA B 179 34.44 7.66 -4.50
C ALA B 179 35.34 6.93 -5.49
N ASP B 180 36.33 6.19 -4.98
CA ASP B 180 37.26 5.46 -5.84
C ASP B 180 37.02 3.94 -5.81
N ILE B 181 36.13 3.52 -4.91
CA ILE B 181 35.82 2.10 -4.76
C ILE B 181 34.86 1.63 -5.86
N VAL B 182 35.42 0.99 -6.89
CA VAL B 182 34.62 0.47 -8.00
C VAL B 182 33.93 -0.84 -7.60
N LYS B 183 32.66 -0.97 -7.98
CA LYS B 183 31.88 -2.16 -7.68
C LYS B 183 30.87 -2.52 -8.77
N ILE B 184 30.52 -3.79 -8.83
CA ILE B 184 29.57 -4.31 -9.82
C ILE B 184 28.18 -3.68 -9.67
N GLY B 185 27.61 -3.26 -10.80
CA GLY B 185 26.29 -2.67 -10.78
C GLY B 185 25.28 -3.79 -10.84
N ARG B 186 24.02 -3.50 -10.50
CA ARG B 186 22.97 -4.52 -10.53
C ARG B 186 21.60 -3.98 -10.93
N THR B 187 21.16 -4.33 -12.13
CA THR B 187 19.85 -3.93 -12.64
C THR B 187 19.03 -5.21 -12.79
N HIS B 188 17.75 -5.16 -12.41
CA HIS B 188 16.85 -6.32 -12.46
C HIS B 188 17.35 -7.42 -11.53
N LEU B 189 18.30 -7.06 -10.65
CA LEU B 189 18.94 -7.97 -9.69
C LEU B 189 20.11 -8.73 -10.32
N GLN B 190 20.35 -8.49 -11.61
CA GLN B 190 21.44 -9.14 -12.35
C GLN B 190 22.64 -8.22 -12.45
N ASP B 191 23.83 -8.80 -12.60
CA ASP B 191 25.08 -8.05 -12.71
C ASP B 191 25.05 -7.12 -13.92
N ALA B 192 25.50 -5.89 -13.72
CA ALA B 192 25.52 -4.91 -14.81
C ALA B 192 26.85 -4.16 -14.81
N THR B 193 27.03 -3.26 -15.77
CA THR B 193 28.25 -2.48 -15.87
C THR B 193 28.55 -1.83 -14.52
N PRO B 194 29.84 -1.70 -14.16
CA PRO B 194 30.28 -1.11 -12.89
C PRO B 194 29.98 0.36 -12.60
N LEU B 195 30.19 0.72 -11.33
CA LEU B 195 30.02 2.08 -10.81
C LEU B 195 30.62 2.08 -9.40
N THR B 196 31.22 3.19 -8.99
CA THR B 196 31.83 3.28 -7.66
C THR B 196 30.78 3.34 -6.55
N LEU B 197 31.13 2.88 -5.36
CA LEU B 197 30.21 2.88 -4.23
C LEU B 197 29.76 4.31 -3.92
N GLY B 198 30.66 5.27 -4.14
CA GLY B 198 30.35 6.66 -3.88
C GLY B 198 29.19 7.14 -4.74
N GLN B 199 29.15 6.66 -5.98
CA GLN B 199 28.08 7.01 -6.91
C GLN B 199 26.78 6.33 -6.47
N GLU B 200 26.86 5.06 -6.10
CA GLU B 200 25.67 4.32 -5.65
C GLU B 200 25.06 5.00 -4.41
N ILE B 201 25.95 5.54 -3.57
CA ILE B 201 25.52 6.21 -2.34
C ILE B 201 25.08 7.65 -2.60
N SER B 202 25.69 8.30 -3.60
CA SER B 202 25.32 9.68 -3.92
C SER B 202 23.88 9.74 -4.43
N GLY B 203 23.36 8.57 -4.81
CA GLY B 203 21.99 8.49 -5.29
C GLY B 203 21.01 8.60 -4.13
N TRP B 204 21.45 8.17 -2.94
CA TRP B 204 20.64 8.23 -1.74
C TRP B 204 20.66 9.67 -1.25
N VAL B 205 21.85 10.27 -1.26
CA VAL B 205 22.03 11.65 -0.84
C VAL B 205 21.09 12.55 -1.63
N ALA B 206 21.08 12.38 -2.94
CA ALA B 206 20.22 13.15 -3.84
C ALA B 206 18.73 12.93 -3.58
N MET B 207 18.35 11.72 -3.19
CA MET B 207 16.94 11.42 -2.91
C MET B 207 16.46 12.23 -1.72
N LEU B 208 17.21 12.14 -0.62
CA LEU B 208 16.90 12.84 0.62
C LEU B 208 16.90 14.36 0.38
N GLU B 209 17.83 14.84 -0.45
CA GLU B 209 17.91 16.27 -0.76
C GLU B 209 16.60 16.70 -1.44
N HIS B 210 16.09 15.85 -2.33
CA HIS B 210 14.85 16.14 -3.04
C HIS B 210 13.65 16.13 -2.10
N ASN B 211 13.66 15.20 -1.15
CA ASN B 211 12.59 15.10 -0.18
C ASN B 211 12.51 16.35 0.69
N LEU B 212 13.65 16.96 0.97
CA LEU B 212 13.70 18.17 1.77
C LEU B 212 12.87 19.25 1.07
N LYS B 213 13.17 19.50 -0.20
CA LYS B 213 12.46 20.49 -1.01
C LYS B 213 10.95 20.23 -1.02
N HIS B 214 10.58 18.97 -1.25
CA HIS B 214 9.17 18.58 -1.30
C HIS B 214 8.46 18.82 0.02
N ILE B 215 9.17 18.57 1.12
CA ILE B 215 8.63 18.77 2.45
C ILE B 215 8.59 20.25 2.79
N GLU B 216 9.54 21.02 2.28
CA GLU B 216 9.60 22.46 2.52
C GLU B 216 8.47 23.18 1.79
N TYR B 217 8.13 22.66 0.60
CA TYR B 217 7.06 23.23 -0.22
C TYR B 217 5.69 23.03 0.42
N SER B 218 5.57 22.02 1.27
CA SER B 218 4.31 21.72 1.93
C SER B 218 4.09 22.46 3.25
N LEU B 219 5.06 23.26 3.67
CA LEU B 219 4.95 24.00 4.93
C LEU B 219 4.05 25.26 4.93
N PRO B 220 4.13 26.10 3.88
CA PRO B 220 3.32 27.31 3.78
C PRO B 220 1.81 27.09 3.97
N HIS B 221 1.32 25.95 3.50
CA HIS B 221 -0.11 25.63 3.63
C HIS B 221 -0.44 25.19 5.07
N VAL B 222 0.46 24.42 5.68
CA VAL B 222 0.27 23.96 7.04
C VAL B 222 0.33 25.15 8.01
N ALA B 223 1.04 26.19 7.61
CA ALA B 223 1.21 27.41 8.42
C ALA B 223 -0.05 28.24 8.57
N GLU B 224 -1.05 27.98 7.72
CA GLU B 224 -2.31 28.72 7.75
C GLU B 224 -3.18 28.32 8.93
N LEU B 225 -3.46 29.28 9.80
CA LEU B 225 -4.26 29.05 11.00
C LEU B 225 -5.73 29.38 10.82
N ALA B 226 -6.58 28.47 11.30
CA ALA B 226 -8.03 28.63 11.20
C ALA B 226 -8.64 29.44 12.34
N LEU B 227 -7.86 29.68 13.39
CA LEU B 227 -8.34 30.44 14.56
C LEU B 227 -8.83 31.83 14.19
N GLY B 228 -10.15 32.00 14.24
CA GLY B 228 -10.77 33.28 13.92
C GLY B 228 -12.11 33.12 13.24
N GLY B 229 -12.38 31.93 12.71
CA GLY B 229 -13.63 31.68 12.00
C GLY B 229 -14.78 31.23 12.86
N THR B 230 -14.50 30.86 14.10
CA THR B 230 -15.51 30.38 15.05
C THR B 230 -16.37 29.22 14.52
N ALA B 231 -17.68 29.29 14.78
CA ALA B 231 -18.64 28.27 14.38
C ALA B 231 -18.54 27.72 12.95
N VAL B 232 -19.07 28.47 11.98
CA VAL B 232 -19.05 28.01 10.59
C VAL B 232 -18.02 28.70 9.70
N GLY B 233 -17.10 29.44 10.30
CA GLY B 233 -16.06 30.10 9.52
C GLY B 233 -16.26 31.56 9.19
N THR B 234 -17.40 32.13 9.55
CA THR B 234 -17.68 33.55 9.26
C THR B 234 -17.06 34.49 10.28
N GLY B 235 -16.67 33.95 11.43
CA GLY B 235 -16.07 34.77 12.47
C GLY B 235 -17.11 35.55 13.27
N LEU B 236 -18.30 34.96 13.42
CA LEU B 236 -19.38 35.59 14.16
C LEU B 236 -18.98 35.66 15.63
N ASN B 237 -19.32 36.77 16.29
CA ASN B 237 -19.01 36.96 17.71
C ASN B 237 -17.51 36.95 17.99
N THR B 238 -16.75 37.71 17.23
CA THR B 238 -15.31 37.80 17.41
C THR B 238 -14.83 39.18 16.97
N HIS B 239 -13.69 39.60 17.49
CA HIS B 239 -13.12 40.90 17.14
C HIS B 239 -12.53 40.88 15.73
N PRO B 240 -12.73 41.97 14.96
CA PRO B 240 -12.21 42.12 13.60
C PRO B 240 -10.70 41.90 13.47
N GLU B 241 -9.96 42.35 14.47
CA GLU B 241 -8.50 42.20 14.46
C GLU B 241 -8.03 40.91 15.12
N TYR B 242 -8.93 40.27 15.87
CA TYR B 242 -8.63 39.03 16.59
C TYR B 242 -7.83 37.99 15.81
N ALA B 243 -8.37 37.55 14.66
CA ALA B 243 -7.73 36.54 13.81
C ALA B 243 -6.27 36.83 13.48
N ARG B 244 -5.98 38.05 13.02
CA ARG B 244 -4.61 38.42 12.68
C ARG B 244 -3.73 38.63 13.93
N ARG B 245 -4.34 39.08 15.02
CA ARG B 245 -3.61 39.31 16.26
C ARG B 245 -3.16 38.02 16.94
N VAL B 246 -4.04 37.03 16.99
CA VAL B 246 -3.70 35.75 17.60
C VAL B 246 -2.71 34.99 16.73
N ALA B 247 -2.78 35.21 15.41
CA ALA B 247 -1.89 34.56 14.47
C ALA B 247 -0.48 35.12 14.64
N ASP B 248 -0.38 36.43 14.90
CA ASP B 248 0.89 37.08 15.11
C ASP B 248 1.51 36.61 16.43
N GLU B 249 0.65 36.48 17.45
CA GLU B 249 1.09 36.05 18.78
C GLU B 249 1.70 34.67 18.72
N LEU B 250 0.96 33.71 18.13
CA LEU B 250 1.45 32.36 17.99
C LEU B 250 2.78 32.34 17.23
N ALA B 251 2.91 33.22 16.25
CA ALA B 251 4.13 33.32 15.46
C ALA B 251 5.33 33.78 16.29
N VAL B 252 5.08 34.68 17.24
CA VAL B 252 6.12 35.23 18.11
C VAL B 252 6.60 34.21 19.15
N ILE B 253 5.66 33.50 19.77
CA ILE B 253 5.99 32.51 20.79
C ILE B 253 6.75 31.30 20.23
N THR B 254 6.30 30.82 19.09
CA THR B 254 6.89 29.64 18.45
C THR B 254 8.00 29.89 17.43
N CYS B 255 8.21 31.16 17.07
CA CYS B 255 9.24 31.52 16.09
C CYS B 255 9.03 30.84 14.73
N ALA B 256 7.79 30.45 14.47
CA ALA B 256 7.42 29.80 13.22
C ALA B 256 6.55 30.76 12.41
N PRO B 257 6.76 30.79 11.08
CA PRO B 257 6.01 31.67 10.17
C PRO B 257 4.52 31.34 10.07
N PHE B 258 3.81 31.52 11.18
CA PHE B 258 2.37 31.28 11.21
C PHE B 258 1.64 32.50 10.67
N VAL B 259 0.57 32.23 9.94
CA VAL B 259 -0.26 33.27 9.36
C VAL B 259 -1.70 32.84 9.48
N THR B 260 -2.62 33.78 9.40
CA THR B 260 -4.05 33.48 9.50
C THR B 260 -4.54 33.03 8.13
N ALA B 261 -5.32 31.95 8.10
CA ALA B 261 -5.84 31.39 6.85
C ALA B 261 -6.64 32.40 6.04
N PRO B 262 -6.16 32.75 4.83
CA PRO B 262 -6.81 33.70 3.92
C PRO B 262 -8.28 33.39 3.61
N ASN B 263 -8.69 32.14 3.82
CA ASN B 263 -10.08 31.72 3.61
C ASN B 263 -10.38 30.74 4.73
N LYS B 264 -11.24 31.13 5.65
CA LYS B 264 -11.59 30.29 6.79
C LYS B 264 -12.44 29.07 6.49
N PHE B 265 -13.29 29.19 5.48
CA PHE B 265 -14.17 28.10 5.08
C PHE B 265 -13.39 26.88 4.60
N GLU B 266 -12.29 27.13 3.91
CA GLU B 266 -11.42 26.06 3.41
C GLU B 266 -10.64 25.51 4.60
N ALA B 267 -10.33 26.39 5.55
CA ALA B 267 -9.57 26.00 6.75
C ALA B 267 -10.43 25.17 7.70
N LEU B 268 -11.70 25.54 7.83
CA LEU B 268 -12.62 24.84 8.72
C LEU B 268 -13.27 23.61 8.12
N ALA B 269 -13.49 23.62 6.81
CA ALA B 269 -14.15 22.49 6.16
C ALA B 269 -13.26 21.34 5.67
N THR B 270 -11.94 21.51 5.73
CA THR B 270 -11.05 20.46 5.25
C THR B 270 -9.74 20.27 6.01
N CYS B 271 -9.09 19.15 5.71
CA CYS B 271 -7.80 18.77 6.28
C CYS B 271 -6.78 18.74 5.15
N ASP B 272 -7.14 19.39 4.04
CA ASP B 272 -6.32 19.45 2.84
C ASP B 272 -4.85 19.79 3.07
N ALA B 273 -4.59 20.75 3.95
CA ALA B 273 -3.22 21.17 4.26
C ALA B 273 -2.37 20.00 4.69
N LEU B 274 -2.94 19.14 5.53
CA LEU B 274 -2.24 17.96 6.03
C LEU B 274 -2.26 16.82 5.02
N VAL B 275 -3.33 16.74 4.20
CA VAL B 275 -3.44 15.69 3.18
C VAL B 275 -2.33 15.86 2.14
N GLN B 276 -1.99 17.12 1.85
CA GLN B 276 -0.94 17.44 0.90
C GLN B 276 0.43 17.26 1.55
N ALA B 277 0.53 17.66 2.82
CA ALA B 277 1.76 17.55 3.58
C ALA B 277 2.18 16.09 3.76
N HIS B 278 1.22 15.24 4.12
CA HIS B 278 1.51 13.83 4.31
C HIS B 278 1.89 13.17 2.99
N GLY B 279 1.45 13.78 1.88
CA GLY B 279 1.80 13.25 0.57
C GLY B 279 3.31 13.32 0.41
N ALA B 280 3.91 14.31 1.06
CA ALA B 280 5.35 14.50 1.02
C ALA B 280 6.01 13.49 1.95
N LEU B 281 5.32 13.15 3.03
CA LEU B 281 5.84 12.19 4.00
C LEU B 281 5.85 10.78 3.42
N LYS B 282 4.76 10.40 2.76
CA LYS B 282 4.67 9.07 2.15
C LYS B 282 5.71 8.96 1.02
N GLY B 283 6.20 10.12 0.57
CA GLY B 283 7.21 10.14 -0.46
C GLY B 283 8.55 9.78 0.16
N LEU B 284 8.92 10.51 1.22
CA LEU B 284 10.18 10.25 1.93
C LEU B 284 10.17 8.83 2.43
N ALA B 285 9.00 8.35 2.87
CA ALA B 285 8.86 6.98 3.36
C ALA B 285 9.32 6.02 2.26
N ALA B 286 8.77 6.19 1.05
CA ALA B 286 9.12 5.35 -0.08
C ALA B 286 10.61 5.45 -0.39
N SER B 287 11.19 6.64 -0.20
CA SER B 287 12.61 6.84 -0.42
C SER B 287 13.45 6.11 0.63
N LEU B 288 13.13 6.30 1.91
CA LEU B 288 13.86 5.63 2.98
C LEU B 288 13.81 4.12 2.84
N MET B 289 12.65 3.60 2.43
CA MET B 289 12.45 2.16 2.22
C MET B 289 13.50 1.61 1.26
N LYS B 290 13.75 2.34 0.18
CA LYS B 290 14.73 1.95 -0.83
C LYS B 290 16.14 2.01 -0.25
N ILE B 291 16.42 3.07 0.50
CA ILE B 291 17.72 3.27 1.13
C ILE B 291 18.02 2.20 2.19
N ALA B 292 16.98 1.76 2.88
CA ALA B 292 17.10 0.74 3.92
C ALA B 292 17.33 -0.66 3.33
N ASN B 293 16.59 -0.99 2.28
CA ASN B 293 16.73 -2.30 1.64
C ASN B 293 18.05 -2.45 0.90
N ASP B 294 18.55 -1.36 0.33
CA ASP B 294 19.83 -1.41 -0.38
C ASP B 294 20.95 -1.74 0.60
N VAL B 295 20.85 -1.17 1.80
CA VAL B 295 21.86 -1.40 2.84
C VAL B 295 21.89 -2.83 3.34
N ARG B 296 20.73 -3.39 3.70
CA ARG B 296 20.70 -4.76 4.20
C ARG B 296 21.04 -5.82 3.16
N TRP B 297 20.69 -5.57 1.90
CA TRP B 297 21.01 -6.53 0.84
C TRP B 297 22.51 -6.52 0.55
N LEU B 298 23.10 -5.32 0.51
CA LEU B 298 24.54 -5.18 0.26
C LEU B 298 25.37 -5.73 1.41
N ALA B 299 24.76 -5.81 2.59
CA ALA B 299 25.45 -6.32 3.77
C ALA B 299 25.05 -7.75 4.11
N SER B 300 24.19 -8.34 3.30
CA SER B 300 23.72 -9.71 3.53
C SER B 300 24.86 -10.73 3.42
N GLY B 301 24.79 -11.76 4.27
CA GLY B 301 25.82 -12.79 4.24
C GLY B 301 25.91 -13.55 5.53
N PRO B 302 27.11 -13.68 6.11
CA PRO B 302 28.37 -13.11 5.59
C PRO B 302 29.03 -13.92 4.47
N ARG B 303 28.53 -15.13 4.22
CA ARG B 303 29.10 -16.00 3.20
C ARG B 303 28.21 -16.29 1.98
N CYS B 304 26.92 -16.45 2.22
CA CYS B 304 26.00 -16.78 1.13
C CYS B 304 25.11 -15.64 0.62
N GLY B 305 25.61 -14.41 0.74
CA GLY B 305 24.85 -13.26 0.26
C GLY B 305 25.71 -12.40 -0.65
N ILE B 306 25.41 -11.11 -0.69
CA ILE B 306 26.18 -10.18 -1.50
C ILE B 306 27.41 -9.76 -0.69
N GLY B 307 27.17 -9.31 0.54
CA GLY B 307 28.24 -8.90 1.45
C GLY B 307 29.27 -7.86 1.03
N GLU B 308 28.89 -6.90 0.19
CA GLU B 308 29.81 -5.87 -0.27
C GLU B 308 30.11 -4.81 0.79
N ILE B 309 29.25 -4.69 1.78
CA ILE B 309 29.47 -3.70 2.84
C ILE B 309 29.33 -4.32 4.22
N SER B 310 29.73 -3.56 5.23
CA SER B 310 29.65 -4.00 6.60
C SER B 310 28.91 -2.95 7.43
N ILE B 311 27.99 -3.41 8.27
CA ILE B 311 27.25 -2.50 9.13
C ILE B 311 27.54 -2.83 10.59
N PRO B 312 27.55 -1.80 11.46
CA PRO B 312 27.82 -1.97 12.90
C PRO B 312 26.88 -2.98 13.58
N GLU B 313 27.46 -3.76 14.48
CA GLU B 313 26.70 -4.77 15.22
C GLU B 313 26.22 -4.18 16.55
N ASN B 314 24.92 -3.90 16.64
CA ASN B 314 24.32 -3.31 17.83
C ASN B 314 23.78 -4.34 18.80
N GLN B 315 23.13 -5.37 18.25
CA GLN B 315 22.56 -6.43 19.07
C GLN B 315 23.61 -7.52 19.34
N PRO B 316 23.41 -8.30 20.42
CA PRO B 316 24.36 -9.38 20.77
C PRO B 316 24.25 -10.59 19.84
N MET B 321 27.36 -19.77 14.05
CA MET B 321 26.95 -18.40 13.61
C MET B 321 27.78 -17.30 14.29
N PRO B 322 29.08 -17.22 13.96
CA PRO B 322 29.99 -16.21 14.53
C PRO B 322 29.87 -14.82 13.89
N GLY B 323 29.58 -14.79 12.60
CA GLY B 323 29.47 -13.51 11.90
C GLY B 323 28.09 -13.13 11.41
N LYS B 324 27.04 -13.64 12.05
CA LYS B 324 25.65 -13.34 11.66
C LYS B 324 25.19 -12.01 12.26
N VAL B 325 25.34 -10.94 11.48
CA VAL B 325 24.95 -9.61 11.92
C VAL B 325 23.61 -9.23 11.27
N ASN B 326 22.53 -9.26 12.05
CA ASN B 326 21.21 -8.91 11.53
C ASN B 326 21.02 -7.40 11.38
N PRO B 327 20.55 -6.95 10.19
CA PRO B 327 20.32 -5.54 9.91
C PRO B 327 19.02 -5.10 10.60
N THR B 328 19.09 -4.95 11.92
CA THR B 328 17.93 -4.57 12.73
C THR B 328 17.44 -3.15 12.56
N GLN B 329 18.35 -2.21 12.33
CA GLN B 329 17.98 -0.80 12.14
C GLN B 329 17.25 -0.64 10.81
N CYS B 330 17.61 -1.48 9.83
CA CYS B 330 16.97 -1.46 8.51
C CYS B 330 15.58 -2.04 8.63
N GLU B 331 15.42 -3.02 9.53
CA GLU B 331 14.15 -3.67 9.74
C GLU B 331 13.16 -2.76 10.47
N ALA B 332 13.67 -1.91 11.34
CA ALA B 332 12.82 -0.98 12.08
C ALA B 332 12.36 0.13 11.14
N LEU B 333 13.29 0.60 10.30
CA LEU B 333 13.02 1.68 9.36
C LEU B 333 12.06 1.23 8.26
N THR B 334 12.28 0.03 7.70
CA THR B 334 11.40 -0.50 6.66
C THR B 334 10.01 -0.78 7.21
N MET B 335 9.93 -1.22 8.46
CA MET B 335 8.64 -1.50 9.08
C MET B 335 7.83 -0.23 9.28
N LEU B 336 8.49 0.85 9.67
CA LEU B 336 7.78 2.11 9.89
C LEU B 336 7.43 2.80 8.57
N CYS B 337 8.18 2.50 7.52
CA CYS B 337 7.92 3.09 6.21
C CYS B 337 6.60 2.53 5.68
N CYS B 338 6.30 1.29 6.03
CA CYS B 338 5.06 0.67 5.62
C CYS B 338 3.94 1.37 6.38
N GLN B 339 4.22 1.65 7.65
CA GLN B 339 3.28 2.32 8.54
C GLN B 339 2.87 3.70 8.01
N VAL B 340 3.83 4.49 7.54
CA VAL B 340 3.55 5.82 7.00
C VAL B 340 2.66 5.75 5.75
N MET B 341 2.80 4.66 5.00
CA MET B 341 2.02 4.43 3.79
C MET B 341 0.56 4.19 4.14
N GLY B 342 0.33 3.30 5.11
CA GLY B 342 -1.02 2.98 5.53
C GLY B 342 -1.73 4.16 6.17
N ASN B 343 -0.96 5.01 6.85
CA ASN B 343 -1.52 6.18 7.50
C ASN B 343 -2.04 7.17 6.46
N ASP B 344 -1.32 7.28 5.35
CA ASP B 344 -1.71 8.18 4.26
C ASP B 344 -3.13 7.87 3.78
N VAL B 345 -3.45 6.59 3.64
CA VAL B 345 -4.77 6.14 3.21
C VAL B 345 -5.87 6.58 4.18
N ALA B 346 -5.61 6.41 5.48
CA ALA B 346 -6.58 6.80 6.51
C ALA B 346 -6.79 8.31 6.52
N ILE B 347 -5.70 9.04 6.27
CA ILE B 347 -5.74 10.51 6.21
C ILE B 347 -6.55 10.93 4.99
N ASN B 348 -6.37 10.20 3.88
CA ASN B 348 -7.08 10.48 2.64
C ASN B 348 -8.58 10.29 2.84
N MET B 349 -8.97 9.13 3.34
CA MET B 349 -10.38 8.85 3.60
C MET B 349 -11.01 9.92 4.50
N GLY B 350 -10.28 10.30 5.54
CA GLY B 350 -10.78 11.32 6.45
C GLY B 350 -10.83 12.70 5.81
N GLY B 351 -9.69 13.12 5.25
CA GLY B 351 -9.60 14.43 4.62
C GLY B 351 -10.55 14.65 3.46
N ALA B 352 -11.06 13.56 2.89
CA ALA B 352 -11.97 13.62 1.76
C ALA B 352 -13.41 13.42 2.21
N SER B 353 -13.61 13.12 3.49
CA SER B 353 -14.93 12.86 4.04
C SER B 353 -15.62 14.04 4.74
N GLY B 354 -15.17 15.26 4.45
CA GLY B 354 -15.78 16.42 5.06
C GLY B 354 -17.13 16.77 4.48
N ASN B 355 -17.98 17.43 5.28
CA ASN B 355 -19.31 17.85 4.84
C ASN B 355 -19.56 19.32 5.19
N PHE B 356 -19.99 20.08 4.19
CA PHE B 356 -20.32 21.48 4.36
C PHE B 356 -19.24 22.36 5.03
N GLU B 357 -19.60 22.98 6.15
CA GLU B 357 -18.70 23.88 6.88
C GLU B 357 -17.63 23.27 7.77
N LEU B 358 -17.75 21.98 8.08
CA LEU B 358 -16.77 21.36 8.96
C LEU B 358 -16.45 19.90 8.71
N ASN B 359 -15.15 19.60 8.64
CA ASN B 359 -14.66 18.23 8.48
C ASN B 359 -14.62 17.64 9.89
N VAL B 360 -15.31 16.52 10.09
CA VAL B 360 -15.32 15.92 11.41
C VAL B 360 -14.60 14.57 11.50
N PHE B 361 -13.35 14.56 11.05
CA PHE B 361 -12.47 13.39 11.06
C PHE B 361 -11.08 13.81 11.55
N ARG B 362 -11.01 15.01 12.13
CA ARG B 362 -9.75 15.60 12.61
C ARG B 362 -8.89 14.83 13.62
N PRO B 363 -9.49 14.30 14.70
CA PRO B 363 -8.69 13.55 15.68
C PRO B 363 -7.92 12.40 15.04
N MET B 364 -8.57 11.70 14.12
CA MET B 364 -7.99 10.57 13.41
C MET B 364 -6.87 11.00 12.46
N VAL B 365 -7.06 12.16 11.82
CA VAL B 365 -6.08 12.69 10.88
C VAL B 365 -4.78 13.13 11.55
N ILE B 366 -4.90 13.86 12.66
CA ILE B 366 -3.72 14.35 13.39
C ILE B 366 -2.97 13.23 14.10
N HIS B 367 -3.71 12.21 14.53
CA HIS B 367 -3.10 11.06 15.18
C HIS B 367 -2.14 10.38 14.19
N ASN B 368 -2.63 10.08 13.00
CA ASN B 368 -1.83 9.44 11.96
C ASN B 368 -0.71 10.33 11.43
N PHE B 369 -0.98 11.62 11.30
CA PHE B 369 0.03 12.56 10.81
C PHE B 369 1.20 12.70 11.78
N LEU B 370 0.89 12.93 13.04
CA LEU B 370 1.94 13.09 14.05
C LEU B 370 2.71 11.80 14.34
N GLN B 371 2.05 10.66 14.16
CA GLN B 371 2.72 9.39 14.38
C GLN B 371 3.77 9.20 13.30
N SER B 372 3.40 9.50 12.06
CA SER B 372 4.27 9.39 10.91
C SER B 372 5.50 10.27 11.05
N VAL B 373 5.31 11.49 11.56
CA VAL B 373 6.42 12.41 11.77
C VAL B 373 7.37 11.87 12.84
N ARG B 374 6.82 11.31 13.92
CA ARG B 374 7.64 10.73 14.98
C ARG B 374 8.45 9.57 14.40
N LEU B 375 7.79 8.74 13.61
CA LEU B 375 8.41 7.58 12.99
C LEU B 375 9.55 7.96 12.06
N LEU B 376 9.26 8.82 11.09
CA LEU B 376 10.26 9.25 10.14
C LEU B 376 11.40 10.01 10.82
N ALA B 377 11.07 10.76 11.85
CA ALA B 377 12.06 11.54 12.58
C ALA B 377 12.99 10.64 13.39
N ASP B 378 12.41 9.91 14.35
CA ASP B 378 13.16 8.99 15.21
C ASP B 378 13.80 7.86 14.42
N GLY B 379 13.19 7.52 13.29
CA GLY B 379 13.68 6.45 12.45
C GLY B 379 15.00 6.82 11.79
N MET B 380 15.04 8.01 11.18
CA MET B 380 16.25 8.49 10.53
C MET B 380 17.34 8.74 11.55
N GLU B 381 16.97 9.20 12.73
CA GLU B 381 17.93 9.48 13.80
C GLU B 381 18.69 8.24 14.24
N SER B 382 17.95 7.19 14.63
CA SER B 382 18.59 5.96 15.08
C SER B 382 19.32 5.26 13.93
N PHE B 383 18.74 5.32 12.73
CA PHE B 383 19.35 4.70 11.55
C PHE B 383 20.67 5.37 11.25
N ASN B 384 20.77 6.66 11.55
CA ASN B 384 21.99 7.41 11.33
C ASN B 384 23.10 7.06 12.30
N LYS B 385 22.86 7.31 13.59
CA LYS B 385 23.84 7.06 14.64
C LYS B 385 24.11 5.60 14.95
N HIS B 386 23.22 4.70 14.52
CA HIS B 386 23.40 3.28 14.78
C HIS B 386 23.63 2.44 13.53
N CYS B 387 23.90 3.08 12.41
CA CYS B 387 24.12 2.34 11.16
C CYS B 387 24.80 3.17 10.08
N ALA B 388 24.12 4.23 9.64
CA ALA B 388 24.62 5.09 8.56
C ALA B 388 26.03 5.65 8.78
N VAL B 389 26.38 5.90 10.04
CA VAL B 389 27.70 6.44 10.34
C VAL B 389 28.81 5.39 10.34
N GLY B 390 28.44 4.14 10.60
CA GLY B 390 29.43 3.07 10.63
C GLY B 390 29.56 2.23 9.38
N ILE B 391 28.91 2.62 8.29
CA ILE B 391 28.98 1.87 7.04
C ILE B 391 30.40 1.80 6.50
N GLU B 392 30.94 0.58 6.47
CA GLU B 392 32.29 0.34 5.97
C GLU B 392 32.28 -0.60 4.76
N PRO B 393 33.13 -0.33 3.76
CA PRO B 393 33.20 -1.16 2.55
C PRO B 393 34.09 -2.39 2.73
N ASN B 394 33.63 -3.52 2.18
CA ASN B 394 34.41 -4.76 2.23
C ASN B 394 35.21 -4.85 0.94
N ARG B 395 36.26 -4.04 0.87
CA ARG B 395 37.14 -3.96 -0.30
C ARG B 395 37.54 -5.29 -0.91
N GLU B 396 37.95 -6.23 -0.06
CA GLU B 396 38.36 -7.55 -0.54
C GLU B 396 37.26 -8.25 -1.33
N ARG B 397 36.07 -8.40 -0.72
CA ARG B 397 34.96 -9.08 -1.38
C ARG B 397 34.44 -8.32 -2.60
N ILE B 398 34.36 -7.00 -2.50
CA ILE B 398 33.90 -6.18 -3.62
C ILE B 398 34.79 -6.45 -4.84
N ASN B 399 36.10 -6.53 -4.62
CA ASN B 399 37.04 -6.81 -5.69
C ASN B 399 36.91 -8.23 -6.22
N GLN B 400 36.60 -9.17 -5.33
CA GLN B 400 36.42 -10.57 -5.74
C GLN B 400 35.24 -10.71 -6.71
N LEU B 401 34.20 -9.92 -6.48
CA LEU B 401 33.00 -9.94 -7.32
C LEU B 401 33.23 -9.32 -8.69
N LEU B 402 34.05 -8.28 -8.75
CA LEU B 402 34.37 -7.61 -10.01
C LEU B 402 35.10 -8.56 -10.96
N ASN B 403 36.05 -9.32 -10.42
CA ASN B 403 36.84 -10.26 -11.18
C ASN B 403 36.03 -11.46 -11.69
N GLU B 404 35.20 -12.02 -10.82
CA GLU B 404 34.38 -13.16 -11.18
C GLU B 404 33.19 -12.81 -12.08
N SER B 405 33.01 -11.52 -12.36
CA SER B 405 31.93 -11.07 -13.21
C SER B 405 32.33 -11.17 -14.68
N LEU B 406 31.35 -11.04 -15.57
CA LEU B 406 31.60 -11.09 -17.00
C LEU B 406 31.35 -9.72 -17.62
N MET B 407 30.81 -8.81 -16.80
CA MET B 407 30.48 -7.46 -17.24
C MET B 407 31.66 -6.60 -17.68
N LEU B 408 32.87 -7.00 -17.32
CA LEU B 408 34.07 -6.24 -17.67
C LEU B 408 34.58 -6.58 -19.08
N VAL B 409 33.87 -7.47 -19.76
CA VAL B 409 34.26 -7.90 -21.11
C VAL B 409 34.32 -6.77 -22.15
N THR B 410 33.58 -5.70 -21.92
CA THR B 410 33.54 -4.57 -22.85
C THR B 410 34.89 -3.85 -22.99
N ALA B 411 35.75 -4.01 -22.00
CA ALA B 411 37.07 -3.36 -22.01
C ALA B 411 38.00 -3.98 -23.04
N LEU B 412 37.69 -5.20 -23.46
CA LEU B 412 38.49 -5.93 -24.43
C LEU B 412 38.12 -5.60 -25.89
N ASN B 413 37.04 -4.83 -26.06
CA ASN B 413 36.56 -4.44 -27.38
C ASN B 413 37.50 -3.55 -28.20
N THR B 414 37.94 -2.44 -27.64
CA THR B 414 38.82 -1.53 -28.38
C THR B 414 40.19 -2.11 -28.68
N HIS B 415 40.49 -3.27 -28.09
CA HIS B 415 41.78 -3.92 -28.28
C HIS B 415 41.79 -5.12 -29.21
N ILE B 416 40.79 -5.98 -29.09
CA ILE B 416 40.73 -7.18 -29.92
C ILE B 416 39.48 -7.35 -30.78
N GLY B 417 38.53 -6.42 -30.64
CA GLY B 417 37.31 -6.49 -31.43
C GLY B 417 36.14 -7.13 -30.71
N TYR B 418 34.95 -6.61 -30.96
CA TYR B 418 33.72 -7.10 -30.31
C TYR B 418 33.50 -8.60 -30.42
N ASP B 419 33.69 -9.16 -31.62
CA ASP B 419 33.46 -10.58 -31.86
C ASP B 419 34.33 -11.51 -31.00
N LYS B 420 35.62 -11.20 -30.92
CA LYS B 420 36.51 -12.03 -30.10
C LYS B 420 36.16 -11.85 -28.63
N ALA B 421 35.81 -10.62 -28.25
CA ALA B 421 35.43 -10.30 -26.89
C ALA B 421 34.16 -11.06 -26.53
N ALA B 422 33.20 -11.07 -27.45
CA ALA B 422 31.94 -11.77 -27.24
C ALA B 422 32.20 -13.27 -27.05
N GLU B 423 33.06 -13.84 -27.90
CA GLU B 423 33.40 -15.26 -27.82
C GLU B 423 33.96 -15.60 -26.45
N ILE B 424 34.93 -14.80 -26.01
CA ILE B 424 35.58 -14.96 -24.71
C ILE B 424 34.54 -15.04 -23.60
N ALA B 425 33.58 -14.12 -23.64
CA ALA B 425 32.51 -14.07 -22.65
C ALA B 425 31.58 -15.29 -22.74
N LYS B 426 31.23 -15.68 -23.97
CA LYS B 426 30.35 -16.83 -24.18
C LYS B 426 30.98 -18.12 -23.68
N LYS B 427 32.31 -18.23 -23.83
CA LYS B 427 33.04 -19.41 -23.39
C LYS B 427 33.08 -19.42 -21.86
N ALA B 428 33.55 -18.31 -21.30
CA ALA B 428 33.65 -18.12 -19.86
C ALA B 428 32.34 -18.46 -19.15
N HIS B 429 31.23 -18.17 -19.83
CA HIS B 429 29.91 -18.45 -19.27
C HIS B 429 29.56 -19.94 -19.35
N LYS B 430 29.68 -20.50 -20.56
CA LYS B 430 29.37 -21.91 -20.79
C LYS B 430 30.16 -22.85 -19.89
N GLU B 431 31.44 -22.56 -19.72
CA GLU B 431 32.33 -23.40 -18.91
C GLU B 431 32.51 -22.96 -17.47
N GLY B 432 31.98 -21.80 -17.11
CA GLY B 432 32.09 -21.29 -15.75
C GLY B 432 33.50 -20.86 -15.38
N LEU B 433 34.12 -20.07 -16.24
CA LEU B 433 35.47 -19.59 -16.00
C LEU B 433 35.50 -18.08 -15.87
N THR B 434 36.64 -17.54 -15.46
CA THR B 434 36.83 -16.11 -15.34
C THR B 434 37.23 -15.60 -16.72
N LEU B 435 36.96 -14.32 -16.99
CA LEU B 435 37.31 -13.74 -18.29
C LEU B 435 38.82 -13.89 -18.56
N LYS B 436 39.60 -13.92 -17.48
CA LYS B 436 41.05 -14.08 -17.57
C LYS B 436 41.36 -15.48 -18.13
N ALA B 437 40.89 -16.50 -17.44
CA ALA B 437 41.10 -17.90 -17.82
C ALA B 437 40.66 -18.23 -19.25
N ALA B 438 39.44 -17.79 -19.60
CA ALA B 438 38.88 -18.03 -20.93
C ALA B 438 39.67 -17.33 -22.03
N ALA B 439 40.06 -16.09 -21.77
CA ALA B 439 40.83 -15.30 -22.72
C ALA B 439 42.17 -15.97 -22.96
N LEU B 440 42.74 -16.53 -21.91
CA LEU B 440 44.02 -17.22 -21.99
C LEU B 440 43.88 -18.59 -22.65
N ALA B 441 42.72 -19.23 -22.45
CA ALA B 441 42.45 -20.56 -23.01
C ALA B 441 42.42 -20.57 -24.53
N LEU B 442 41.92 -19.49 -25.11
CA LEU B 442 41.84 -19.34 -26.56
C LEU B 442 43.14 -18.76 -27.11
N GLY B 443 43.93 -18.17 -26.22
CA GLY B 443 45.20 -17.58 -26.62
C GLY B 443 45.05 -16.30 -27.40
N TYR B 444 44.03 -15.52 -27.07
CA TYR B 444 43.78 -14.24 -27.75
C TYR B 444 44.59 -13.08 -27.18
N LEU B 445 45.05 -13.24 -25.95
CA LEU B 445 45.84 -12.22 -25.27
C LEU B 445 46.58 -12.85 -24.09
N SER B 446 47.68 -12.24 -23.69
CA SER B 446 48.46 -12.73 -22.57
C SER B 446 47.88 -12.18 -21.27
N GLU B 447 48.35 -12.69 -20.14
CA GLU B 447 47.86 -12.22 -18.84
C GLU B 447 48.34 -10.79 -18.59
N ALA B 448 49.56 -10.49 -19.06
CA ALA B 448 50.15 -9.17 -18.90
C ALA B 448 49.35 -8.11 -19.67
N GLU B 449 48.50 -8.56 -20.59
CA GLU B 449 47.69 -7.66 -21.39
C GLU B 449 46.31 -7.49 -20.79
N PHE B 450 45.77 -8.58 -20.22
CA PHE B 450 44.45 -8.54 -19.60
C PHE B 450 44.52 -7.61 -18.40
N ASP B 451 45.50 -7.83 -17.54
CA ASP B 451 45.69 -7.02 -16.35
C ASP B 451 45.99 -5.55 -16.61
N SER B 452 46.13 -5.19 -17.89
CA SER B 452 46.39 -3.81 -18.28
C SER B 452 45.15 -3.22 -18.96
N TRP B 453 44.66 -3.93 -19.97
CA TRP B 453 43.50 -3.51 -20.75
C TRP B 453 42.22 -3.34 -19.93
N VAL B 454 41.75 -4.42 -19.33
CA VAL B 454 40.52 -4.35 -18.52
C VAL B 454 40.81 -3.64 -17.19
N ARG B 455 40.78 -2.31 -17.25
CA ARG B 455 41.01 -1.46 -16.09
C ARG B 455 39.65 -0.96 -15.64
N PRO B 456 39.08 -1.58 -14.57
CA PRO B 456 37.77 -1.22 -14.02
C PRO B 456 37.55 0.25 -13.61
N GLU B 457 38.64 1.00 -13.44
CA GLU B 457 38.55 2.41 -13.07
C GLU B 457 37.78 3.24 -14.09
N GLN B 458 37.69 2.73 -15.31
CA GLN B 458 36.97 3.39 -16.39
C GLN B 458 35.55 2.85 -16.52
N MET B 459 34.58 3.64 -16.06
CA MET B 459 33.17 3.25 -16.13
C MET B 459 32.27 4.46 -16.42
C1 MLT C . -39.29 2.27 -24.90
O1 MLT C . -38.21 2.30 -24.46
O2 MLT C . -40.01 1.23 -24.79
C2 MLT C . -39.85 3.46 -25.62
O3 MLT C . -40.05 4.49 -24.60
C3 MLT C . -40.07 3.35 -27.12
C4 MLT C . -38.90 3.08 -27.99
O4 MLT C . -38.94 2.11 -28.80
O5 MLT C . -37.90 3.84 -27.87
C1 CIT D . -33.58 2.91 -13.68
O1 CIT D . -32.85 3.04 -14.58
O2 CIT D . -33.99 1.76 -13.33
C2 CIT D . -34.05 4.12 -12.91
C3 CIT D . -33.66 5.68 -12.39
O7 CIT D . -34.48 6.76 -12.46
C4 CIT D . -33.04 5.38 -11.01
C5 CIT D . -32.93 5.72 -9.79
O3 CIT D . -33.24 4.87 -8.88
O4 CIT D . -32.50 6.85 -9.67
C6 CIT D . -32.20 5.94 -12.86
O5 CIT D . -31.37 5.04 -13.01
O6 CIT D . -31.80 7.09 -13.14
C1 CIT E . -17.72 24.90 20.48
O1 CIT E . -16.72 24.01 21.94
O2 CIT E . -16.89 25.62 18.80
C2 CIT E . -19.91 24.86 20.64
C3 CIT E . -21.29 23.34 19.75
O7 CIT E . -23.29 23.17 19.70
C4 CIT E . -20.21 23.11 17.82
C5 CIT E . -20.69 22.68 15.75
O3 CIT E . -20.49 24.04 14.32
O4 CIT E . -21.20 20.77 15.66
C6 CIT E . -20.16 21.46 20.09
O5 CIT E . -18.19 21.43 19.83
O6 CIT E . -20.94 19.69 20.59
#